data_2CFC
#
_entry.id   2CFC
#
_cell.length_a   64.441
_cell.length_b   110.280
_cell.length_c   68.981
_cell.angle_alpha   90.00
_cell.angle_beta   93.88
_cell.angle_gamma   90.00
#
_symmetry.space_group_name_H-M   'P 1 21 1'
#
loop_
_entity.id
_entity.type
_entity.pdbx_description
1 polymer '2-(R)-HYDROXYPROPYL-COM DEHYDROGENASE'
2 non-polymer NICOTINAMIDE-ADENINE-DINUCLEOTIDE
3 non-polymer (2-[2-KETOPROPYLTHIO]ETHANESULFONATE
4 water water
#
_entity_poly.entity_id   1
_entity_poly.type   'polypeptide(L)'
_entity_poly.pdbx_seq_one_letter_code
;MSRVAIVTGASSGNGLAIATRFLARGDRVAALDLSAETLEETARTHWHAYADKVLRVRADVADEGDVNAAIAATMEQFGA
IDVLVNNAGITGNSEAGVLHTTPVEQFDKVMAVNVRGIFLGCRAVLPHMLLQGAGVIVNIASVASLVAFPGRSAYTTSKG
AVLQLTKSVAVDYAGSGIRCNAVCPGMIETPMTQWRLDQPELRDQVLARIPQKEIGTAAQVADAVMFLAGEDATYVNGAA
LVMDGAYTAI
;
_entity_poly.pdbx_strand_id   A,B,C,D
#
loop_
_chem_comp.id
_chem_comp.type
_chem_comp.name
_chem_comp.formula
KPC non-polymer (2-[2-KETOPROPYLTHIO]ETHANESULFONATE 'C5 H10 O4 S2'
NAD non-polymer NICOTINAMIDE-ADENINE-DINUCLEOTIDE 'C21 H27 N7 O14 P2'
#
# COMPACT_ATOMS: atom_id res chain seq x y z
N MET A 1 6.64 22.45 -31.10
CA MET A 1 6.96 22.20 -29.66
C MET A 1 8.01 21.11 -29.50
N SER A 2 9.00 21.38 -28.66
CA SER A 2 10.09 20.44 -28.45
C SER A 2 10.64 20.58 -27.04
N ARG A 3 10.29 19.65 -26.17
CA ARG A 3 10.76 19.68 -24.78
C ARG A 3 12.18 19.10 -24.72
N VAL A 4 12.91 19.36 -23.64
CA VAL A 4 14.25 18.80 -23.50
C VAL A 4 14.14 17.70 -22.45
N ALA A 5 14.46 16.48 -22.83
CA ALA A 5 14.39 15.36 -21.91
C ALA A 5 15.72 14.66 -21.74
N ILE A 6 16.07 14.36 -20.48
CA ILE A 6 17.28 13.63 -20.21
C ILE A 6 16.82 12.19 -19.90
N VAL A 7 17.44 11.22 -20.56
CA VAL A 7 17.08 9.81 -20.33
C VAL A 7 18.33 9.01 -19.98
N THR A 8 18.36 8.42 -18.78
CA THR A 8 19.53 7.64 -18.37
C THR A 8 19.31 6.17 -18.77
N GLY A 9 20.41 5.46 -18.98
CA GLY A 9 20.29 4.08 -19.44
C GLY A 9 19.65 4.06 -20.83
N ALA A 10 19.92 5.09 -21.65
CA ALA A 10 19.31 5.23 -22.97
C ALA A 10 19.79 4.36 -24.13
N SER A 11 20.88 3.63 -23.99
CA SER A 11 21.36 2.87 -25.14
C SER A 11 20.71 1.52 -25.42
N SER A 12 19.87 1.04 -24.50
CA SER A 12 19.19 -0.22 -24.72
C SER A 12 17.91 -0.39 -23.88
N GLY A 13 17.19 -1.47 -24.15
CA GLY A 13 15.98 -1.79 -23.39
C GLY A 13 14.96 -0.67 -23.23
N ASN A 14 14.43 -0.54 -22.03
CA ASN A 14 13.42 0.51 -21.75
C ASN A 14 13.92 1.92 -22.06
N GLY A 15 15.15 2.21 -21.67
CA GLY A 15 15.74 3.54 -21.92
C GLY A 15 15.78 3.88 -23.39
N LEU A 16 16.13 2.90 -24.22
CA LEU A 16 16.15 3.13 -25.67
C LEU A 16 14.72 3.43 -26.18
N ALA A 17 13.75 2.61 -25.77
CA ALA A 17 12.38 2.84 -26.21
C ALA A 17 11.88 4.21 -25.74
N ILE A 18 12.23 4.59 -24.51
CA ILE A 18 11.80 5.87 -23.97
C ILE A 18 12.43 7.02 -24.75
N ALA A 19 13.74 6.94 -24.99
CA ALA A 19 14.42 8.00 -25.72
C ALA A 19 13.84 8.12 -27.12
N THR A 20 13.58 6.99 -27.78
CA THR A 20 13.05 7.06 -29.15
C THR A 20 11.64 7.65 -29.16
N ARG A 21 10.89 7.43 -28.09
CA ARG A 21 9.52 7.94 -28.04
C ARG A 21 9.56 9.46 -27.92
N PHE A 22 10.47 9.99 -27.11
CA PHE A 22 10.58 11.44 -26.97
C PHE A 22 10.98 12.02 -28.32
N LEU A 23 11.97 11.40 -28.96
CA LEU A 23 12.46 11.87 -30.27
C LEU A 23 11.35 11.85 -31.33
N ALA A 24 10.57 10.78 -31.35
CA ALA A 24 9.50 10.63 -32.32
C ALA A 24 8.43 11.71 -32.17
N ARG A 25 8.30 12.22 -30.95
CA ARG A 25 7.34 13.27 -30.66
C ARG A 25 7.88 14.65 -30.97
N GLY A 26 9.14 14.74 -31.38
CA GLY A 26 9.69 16.05 -31.68
C GLY A 26 10.51 16.66 -30.56
N ASP A 27 10.69 15.92 -29.45
CA ASP A 27 11.48 16.44 -28.34
C ASP A 27 12.98 16.24 -28.57
N ARG A 28 13.79 16.98 -27.81
CA ARG A 28 15.23 16.85 -27.88
C ARG A 28 15.61 16.00 -26.68
N VAL A 29 16.53 15.07 -26.90
CA VAL A 29 16.96 14.15 -25.85
C VAL A 29 18.46 14.13 -25.57
N ALA A 30 18.81 14.08 -24.28
CA ALA A 30 20.20 13.93 -23.84
C ALA A 30 20.14 12.46 -23.37
N ALA A 31 20.81 11.60 -24.13
CA ALA A 31 20.85 10.16 -23.87
C ALA A 31 22.14 9.84 -23.14
N LEU A 32 22.01 9.41 -21.88
CA LEU A 32 23.17 9.09 -21.07
C LEU A 32 23.30 7.58 -20.87
N ASP A 33 24.52 7.09 -21.01
CA ASP A 33 24.79 5.68 -20.75
C ASP A 33 26.29 5.52 -20.51
N LEU A 34 26.70 4.28 -20.19
CA LEU A 34 28.08 3.97 -19.84
C LEU A 34 29.15 3.97 -20.93
N SER A 35 28.76 3.64 -22.15
CA SER A 35 29.71 3.56 -23.26
C SER A 35 29.43 4.53 -24.40
N ALA A 36 30.37 5.43 -24.65
CA ALA A 36 30.27 6.39 -25.74
C ALA A 36 30.14 5.62 -27.06
N GLU A 37 30.88 4.52 -27.20
CA GLU A 37 30.82 3.71 -28.42
C GLU A 37 29.42 3.11 -28.63
N THR A 38 28.88 2.46 -27.62
CA THR A 38 27.56 1.91 -27.73
C THR A 38 26.51 2.99 -28.03
N LEU A 39 26.65 4.16 -27.41
CA LEU A 39 25.70 5.23 -27.65
C LEU A 39 25.72 5.66 -29.12
N GLU A 40 26.91 5.73 -29.70
CA GLU A 40 26.99 6.11 -31.10
C GLU A 40 26.41 5.02 -31.99
N GLU A 41 26.66 3.76 -31.66
CA GLU A 41 26.11 2.68 -32.46
C GLU A 41 24.59 2.73 -32.35
N THR A 42 24.08 3.03 -31.17
CA THR A 42 22.63 3.14 -30.96
C THR A 42 22.09 4.30 -31.76
N ALA A 43 22.80 5.42 -31.73
CA ALA A 43 22.38 6.60 -32.49
C ALA A 43 22.32 6.31 -34.00
N ARG A 44 23.28 5.56 -34.51
CA ARG A 44 23.28 5.29 -35.96
C ARG A 44 22.21 4.30 -36.38
N THR A 45 21.88 3.38 -35.50
CA THR A 45 20.93 2.36 -35.87
C THR A 45 19.50 2.62 -35.42
N HIS A 46 19.32 3.38 -34.35
CA HIS A 46 17.98 3.65 -33.81
C HIS A 46 17.53 5.09 -33.86
N TRP A 47 18.48 6.03 -33.89
CA TRP A 47 18.14 7.45 -33.90
C TRP A 47 18.63 8.19 -35.13
N HIS A 48 18.81 7.45 -36.23
CA HIS A 48 19.31 8.03 -37.48
C HIS A 48 18.50 9.23 -37.99
N ALA A 49 17.19 9.14 -37.91
CA ALA A 49 16.33 10.24 -38.39
C ALA A 49 16.42 11.49 -37.51
N TYR A 50 16.93 11.33 -36.29
CA TYR A 50 17.00 12.48 -35.39
C TYR A 50 18.38 13.09 -35.25
N ALA A 51 19.39 12.36 -35.70
CA ALA A 51 20.77 12.83 -35.65
C ALA A 51 21.06 13.86 -34.57
N ASP A 52 20.95 15.13 -34.95
CA ASP A 52 21.19 16.29 -34.11
C ASP A 52 20.34 16.44 -32.83
N LYS A 53 19.09 16.05 -32.90
CA LYS A 53 18.20 16.22 -31.76
C LYS A 53 18.52 15.35 -30.55
N VAL A 54 19.47 14.45 -30.68
CA VAL A 54 19.87 13.62 -29.55
C VAL A 54 21.34 13.84 -29.25
N LEU A 55 21.62 14.21 -28.00
CA LEU A 55 22.97 14.47 -27.51
C LEU A 55 23.38 13.19 -26.79
N ARG A 56 24.45 12.54 -27.23
CA ARG A 56 24.89 11.31 -26.60
C ARG A 56 25.95 11.65 -25.57
N VAL A 57 25.67 11.33 -24.31
CA VAL A 57 26.59 11.64 -23.23
C VAL A 57 26.98 10.41 -22.46
N ARG A 58 28.29 10.16 -22.34
CA ARG A 58 28.72 9.02 -21.57
C ARG A 58 28.68 9.45 -20.13
N ALA A 59 28.06 8.65 -19.27
CA ALA A 59 27.98 8.99 -17.87
C ALA A 59 27.56 7.81 -17.05
N ASP A 60 28.25 7.63 -15.91
CA ASP A 60 27.90 6.59 -14.96
C ASP A 60 27.01 7.35 -13.98
N VAL A 61 25.71 7.02 -13.91
CA VAL A 61 24.81 7.77 -13.04
C VAL A 61 25.23 7.77 -11.58
N ALA A 62 25.95 6.74 -11.15
CA ALA A 62 26.40 6.65 -9.75
C ALA A 62 27.54 7.62 -9.43
N ASP A 63 28.05 8.33 -10.44
CA ASP A 63 29.14 9.26 -10.21
C ASP A 63 28.65 10.71 -10.27
N GLU A 64 28.87 11.45 -9.18
CA GLU A 64 28.41 12.84 -9.15
C GLU A 64 29.05 13.70 -10.24
N GLY A 65 30.35 13.52 -10.46
CA GLY A 65 31.02 14.30 -11.48
C GLY A 65 30.43 14.10 -12.86
N ASP A 66 30.18 12.84 -13.24
CA ASP A 66 29.62 12.49 -14.54
C ASP A 66 28.23 13.08 -14.73
N VAL A 67 27.40 12.89 -13.71
CA VAL A 67 26.03 13.39 -13.74
C VAL A 67 26.00 14.92 -13.85
N ASN A 68 26.77 15.63 -13.02
CA ASN A 68 26.79 17.10 -13.10
C ASN A 68 27.25 17.57 -14.47
N ALA A 69 28.26 16.92 -15.03
CA ALA A 69 28.76 17.31 -16.36
C ALA A 69 27.73 17.03 -17.44
N ALA A 70 26.96 15.94 -17.26
CA ALA A 70 25.94 15.59 -18.26
C ALA A 70 24.83 16.64 -18.26
N ILE A 71 24.42 17.10 -17.08
CA ILE A 71 23.38 18.12 -16.97
C ILE A 71 23.91 19.45 -17.52
N ALA A 72 25.17 19.77 -17.22
CA ALA A 72 25.77 21.00 -17.77
C ALA A 72 25.82 20.91 -19.30
N ALA A 73 26.19 19.74 -19.83
CA ALA A 73 26.24 19.58 -21.30
C ALA A 73 24.85 19.70 -21.90
N THR A 74 23.84 19.19 -21.21
CA THR A 74 22.47 19.28 -21.70
C THR A 74 22.02 20.74 -21.77
N MET A 75 22.32 21.50 -20.72
CA MET A 75 21.97 22.91 -20.69
C MET A 75 22.69 23.68 -21.79
N GLU A 76 23.98 23.40 -21.99
CA GLU A 76 24.74 24.08 -23.05
C GLU A 76 24.18 23.80 -24.45
N GLN A 77 23.81 22.54 -24.67
CA GLN A 77 23.32 22.13 -25.96
C GLN A 77 21.89 22.53 -26.28
N PHE A 78 20.97 22.34 -25.34
CA PHE A 78 19.54 22.62 -25.57
C PHE A 78 18.92 23.79 -24.79
N GLY A 79 19.61 24.29 -23.77
CA GLY A 79 19.14 25.43 -23.00
C GLY A 79 18.04 25.32 -21.96
N ALA A 80 17.68 24.11 -21.57
CA ALA A 80 16.65 23.90 -20.56
C ALA A 80 16.58 22.41 -20.29
N ILE A 81 15.90 22.04 -19.23
CA ILE A 81 15.70 20.62 -18.93
C ILE A 81 14.26 20.50 -18.45
N ASP A 82 13.40 19.99 -19.34
CA ASP A 82 11.98 19.86 -19.01
C ASP A 82 11.60 18.56 -18.35
N VAL A 83 12.28 17.48 -18.75
CA VAL A 83 11.95 16.16 -18.23
C VAL A 83 13.19 15.36 -17.93
N LEU A 84 13.15 14.64 -16.80
CA LEU A 84 14.26 13.75 -16.45
C LEU A 84 13.66 12.37 -16.23
N VAL A 85 14.15 11.38 -16.98
CA VAL A 85 13.71 10.01 -16.81
C VAL A 85 14.89 9.21 -16.25
N ASN A 86 14.82 8.87 -14.97
CA ASN A 86 15.85 8.09 -14.31
C ASN A 86 15.51 6.62 -14.54
N ASN A 87 16.00 6.09 -15.65
CA ASN A 87 15.78 4.73 -16.09
C ASN A 87 16.96 3.77 -15.82
N ALA A 88 18.20 4.23 -15.92
CA ALA A 88 19.35 3.33 -15.67
C ALA A 88 19.16 2.46 -14.42
N GLY A 89 19.40 1.16 -14.57
CA GLY A 89 19.26 0.29 -13.42
C GLY A 89 19.92 -1.03 -13.67
N ILE A 90 20.36 -1.66 -12.60
CA ILE A 90 20.99 -2.97 -12.73
C ILE A 90 20.36 -3.92 -11.72
N THR A 91 20.47 -5.20 -12.02
CA THR A 91 19.91 -6.24 -11.14
C THR A 91 20.97 -6.72 -10.18
N GLY A 92 22.23 -6.55 -10.56
CA GLY A 92 23.31 -7.11 -9.78
C GLY A 92 23.63 -8.42 -10.53
N ASN A 93 24.83 -8.99 -10.33
CA ASN A 93 25.18 -10.21 -11.07
C ASN A 93 24.52 -11.51 -10.59
N SER A 94 24.98 -12.64 -11.10
CA SER A 94 24.43 -13.93 -10.73
C SER A 94 24.54 -14.18 -9.22
N GLU A 95 25.46 -13.51 -8.56
CA GLU A 95 25.62 -13.72 -7.11
C GLU A 95 24.70 -12.82 -6.27
N ALA A 96 24.15 -11.77 -6.86
CA ALA A 96 23.26 -10.89 -6.11
C ALA A 96 21.88 -11.53 -6.08
N GLY A 97 21.78 -12.61 -5.31
CA GLY A 97 20.52 -13.33 -5.17
C GLY A 97 19.90 -13.06 -3.80
N VAL A 98 19.80 -14.09 -2.96
CA VAL A 98 19.23 -13.87 -1.64
C VAL A 98 20.22 -13.01 -0.86
N LEU A 99 19.73 -12.33 0.16
CA LEU A 99 20.56 -11.43 0.93
C LEU A 99 21.89 -11.93 1.48
N HIS A 100 21.87 -13.00 2.27
CA HIS A 100 23.08 -13.45 2.92
C HIS A 100 24.25 -13.87 2.03
N THR A 101 23.98 -14.29 0.80
CA THR A 101 25.09 -14.68 -0.09
C THR A 101 25.37 -13.63 -1.13
N THR A 102 24.73 -12.47 -1.08
CA THR A 102 25.10 -11.49 -2.08
C THR A 102 26.34 -10.78 -1.59
N PRO A 103 27.37 -10.71 -2.46
CA PRO A 103 28.66 -10.06 -2.18
C PRO A 103 28.44 -8.62 -1.73
N VAL A 104 29.13 -8.18 -0.69
CA VAL A 104 28.95 -6.81 -0.25
C VAL A 104 29.17 -5.84 -1.42
N GLU A 105 30.14 -6.13 -2.29
CA GLU A 105 30.40 -5.24 -3.42
C GLU A 105 29.21 -5.14 -4.38
N GLN A 106 28.44 -6.21 -4.50
CA GLN A 106 27.28 -6.19 -5.40
C GLN A 106 26.14 -5.40 -4.77
N PHE A 107 25.92 -5.57 -3.48
CA PHE A 107 24.87 -4.78 -2.83
C PHE A 107 25.16 -3.28 -3.03
N ASP A 108 26.42 -2.90 -2.75
CA ASP A 108 26.83 -1.50 -2.89
C ASP A 108 26.65 -1.00 -4.31
N LYS A 109 27.06 -1.82 -5.29
CA LYS A 109 26.92 -1.41 -6.69
C LYS A 109 25.46 -1.20 -7.09
N VAL A 110 24.60 -2.15 -6.73
CA VAL A 110 23.19 -2.02 -7.05
C VAL A 110 22.59 -0.77 -6.39
N MET A 111 22.93 -0.52 -5.12
CA MET A 111 22.42 0.69 -4.46
C MET A 111 22.98 1.98 -5.07
N ALA A 112 24.24 1.95 -5.50
CA ALA A 112 24.88 3.14 -6.09
C ALA A 112 24.23 3.50 -7.43
N VAL A 113 24.02 2.51 -8.29
CA VAL A 113 23.39 2.75 -9.58
C VAL A 113 21.89 3.05 -9.49
N ASN A 114 21.15 2.16 -8.82
CA ASN A 114 19.70 2.25 -8.74
C ASN A 114 19.16 3.34 -7.84
N VAL A 115 19.91 3.71 -6.80
CA VAL A 115 19.42 4.74 -5.87
C VAL A 115 20.27 6.01 -5.90
N ARG A 116 21.57 5.89 -5.64
CA ARG A 116 22.40 7.08 -5.64
C ARG A 116 22.36 7.78 -7.00
N GLY A 117 22.27 6.99 -8.07
CA GLY A 117 22.21 7.56 -9.40
C GLY A 117 20.96 8.42 -9.57
N ILE A 118 19.83 7.97 -9.01
CA ILE A 118 18.59 8.72 -9.10
C ILE A 118 18.67 9.96 -8.22
N PHE A 119 19.24 9.84 -7.03
CA PHE A 119 19.43 11.00 -6.14
C PHE A 119 20.31 12.06 -6.85
N LEU A 120 21.41 11.62 -7.45
CA LEU A 120 22.29 12.54 -8.13
C LEU A 120 21.66 13.16 -9.36
N GLY A 121 20.88 12.40 -10.11
CA GLY A 121 20.23 12.95 -11.30
C GLY A 121 19.27 14.06 -10.91
N CYS A 122 18.43 13.75 -9.92
CA CYS A 122 17.44 14.72 -9.40
C CYS A 122 18.16 15.94 -8.82
N ARG A 123 19.22 15.71 -8.06
CA ARG A 123 19.98 16.81 -7.44
C ARG A 123 20.55 17.77 -8.49
N ALA A 124 21.01 17.23 -9.62
CA ALA A 124 21.56 18.05 -10.70
C ALA A 124 20.49 18.79 -11.49
N VAL A 125 19.33 18.17 -11.68
CA VAL A 125 18.30 18.81 -12.50
C VAL A 125 17.36 19.75 -11.78
N LEU A 126 17.12 19.50 -10.49
CA LEU A 126 16.16 20.34 -9.77
C LEU A 126 16.46 21.85 -9.76
N PRO A 127 17.73 22.24 -9.61
CA PRO A 127 17.98 23.69 -9.61
C PRO A 127 17.48 24.35 -10.90
N HIS A 128 17.63 23.64 -12.02
CA HIS A 128 17.22 24.14 -13.32
C HIS A 128 15.70 24.13 -13.48
N MET A 129 15.06 23.06 -13.02
CA MET A 129 13.61 22.97 -13.09
C MET A 129 13.03 24.03 -12.16
N LEU A 130 13.67 24.25 -11.01
CA LEU A 130 13.19 25.26 -10.08
C LEU A 130 13.25 26.66 -10.67
N LEU A 131 14.33 26.95 -11.40
CA LEU A 131 14.51 28.25 -12.04
C LEU A 131 13.44 28.40 -13.12
N GLN A 132 13.17 27.32 -13.83
CA GLN A 132 12.15 27.31 -14.87
C GLN A 132 10.77 27.45 -14.27
N GLY A 133 10.61 26.99 -13.04
CA GLY A 133 9.30 27.03 -12.41
C GLY A 133 8.44 25.86 -12.87
N ALA A 134 9.06 24.87 -13.51
CA ALA A 134 8.30 23.72 -14.01
C ALA A 134 9.28 22.64 -14.44
N GLY A 135 8.94 21.39 -14.16
CA GLY A 135 9.81 20.30 -14.55
C GLY A 135 9.13 19.00 -14.23
N VAL A 136 9.47 17.93 -14.95
CA VAL A 136 8.86 16.64 -14.70
C VAL A 136 9.93 15.56 -14.56
N ILE A 137 9.79 14.72 -13.54
CA ILE A 137 10.74 13.64 -13.34
C ILE A 137 9.97 12.32 -13.30
N VAL A 138 10.41 11.35 -14.09
CA VAL A 138 9.78 10.04 -14.06
C VAL A 138 10.87 9.07 -13.63
N ASN A 139 10.63 8.38 -12.51
CA ASN A 139 11.60 7.40 -12.04
C ASN A 139 11.14 6.01 -12.43
N ILE A 140 12.07 5.20 -12.92
CA ILE A 140 11.72 3.83 -13.26
C ILE A 140 12.01 2.99 -12.02
N ALA A 141 10.95 2.66 -11.31
CA ALA A 141 11.05 1.83 -10.10
C ALA A 141 10.81 0.38 -10.54
N SER A 142 9.85 -0.29 -9.92
CA SER A 142 9.55 -1.68 -10.21
C SER A 142 8.46 -2.17 -9.29
N VAL A 143 7.81 -3.28 -9.66
CA VAL A 143 6.84 -3.85 -8.74
C VAL A 143 7.68 -4.27 -7.51
N ALA A 144 9.01 -4.42 -7.67
CA ALA A 144 9.84 -4.79 -6.52
C ALA A 144 9.94 -3.67 -5.49
N SER A 145 9.31 -2.52 -5.80
CA SER A 145 9.25 -1.40 -4.84
C SER A 145 8.11 -1.71 -3.88
N LEU A 146 7.23 -2.62 -4.28
CA LEU A 146 6.03 -2.93 -3.51
C LEU A 146 5.99 -4.33 -2.92
N VAL A 147 6.58 -5.29 -3.62
CA VAL A 147 6.63 -6.66 -3.16
C VAL A 147 8.07 -7.05 -3.42
N ALA A 148 8.49 -8.13 -2.80
CA ALA A 148 9.86 -8.56 -2.96
C ALA A 148 9.95 -9.57 -4.09
N PHE A 149 10.99 -9.41 -4.91
CA PHE A 149 11.25 -10.36 -5.97
C PHE A 149 12.12 -11.42 -5.34
N PRO A 150 11.70 -12.68 -5.42
CA PRO A 150 12.47 -13.76 -4.82
C PRO A 150 13.87 -13.88 -5.42
N GLY A 151 14.86 -14.06 -4.56
CA GLY A 151 16.22 -14.22 -5.03
C GLY A 151 16.90 -12.99 -5.63
N ARG A 152 16.35 -11.81 -5.38
CA ARG A 152 16.91 -10.56 -5.91
C ARG A 152 16.79 -9.53 -4.82
N SER A 153 17.53 -9.75 -3.74
CA SER A 153 17.47 -8.92 -2.53
C SER A 153 17.98 -7.49 -2.66
N ALA A 154 19.19 -7.32 -3.20
CA ALA A 154 19.73 -5.97 -3.36
C ALA A 154 18.84 -5.12 -4.28
N TYR A 155 18.39 -5.74 -5.36
CA TYR A 155 17.53 -5.08 -6.35
C TYR A 155 16.24 -4.64 -5.68
N THR A 156 15.62 -5.55 -4.94
CA THR A 156 14.36 -5.27 -4.26
C THR A 156 14.56 -4.11 -3.28
N THR A 157 15.64 -4.17 -2.51
CA THR A 157 15.95 -3.13 -1.55
C THR A 157 16.09 -1.77 -2.23
N SER A 158 16.84 -1.75 -3.33
CA SER A 158 17.07 -0.50 -4.05
C SER A 158 15.78 0.12 -4.57
N LYS A 159 14.85 -0.72 -5.04
CA LYS A 159 13.61 -0.21 -5.59
C LYS A 159 12.65 0.35 -4.53
N GLY A 160 12.76 -0.16 -3.30
CA GLY A 160 11.96 0.43 -2.24
C GLY A 160 12.44 1.87 -2.02
N ALA A 161 13.75 2.10 -2.10
CA ALA A 161 14.26 3.45 -1.95
C ALA A 161 13.85 4.32 -3.14
N VAL A 162 13.80 3.76 -4.34
CA VAL A 162 13.41 4.57 -5.51
C VAL A 162 11.99 5.11 -5.34
N LEU A 163 11.07 4.26 -4.90
CA LEU A 163 9.69 4.70 -4.72
C LEU A 163 9.56 5.81 -3.67
N GLN A 164 10.27 5.68 -2.54
CA GLN A 164 10.17 6.70 -1.51
C GLN A 164 10.85 8.00 -1.88
N LEU A 165 11.96 7.91 -2.63
CA LEU A 165 12.64 9.11 -3.09
C LEU A 165 11.65 9.82 -4.01
N THR A 166 10.92 9.06 -4.83
CA THR A 166 9.94 9.65 -5.72
C THR A 166 8.91 10.48 -4.93
N LYS A 167 8.35 9.88 -3.89
CA LYS A 167 7.36 10.56 -3.05
C LYS A 167 7.97 11.76 -2.35
N SER A 168 9.25 11.66 -1.97
CA SER A 168 9.92 12.76 -1.29
C SER A 168 10.01 14.00 -2.20
N VAL A 169 10.47 13.80 -3.43
CA VAL A 169 10.58 14.92 -4.40
C VAL A 169 9.19 15.51 -4.67
N ALA A 170 8.16 14.66 -4.78
CA ALA A 170 6.82 15.15 -5.06
C ALA A 170 6.33 16.04 -3.91
N VAL A 171 6.51 15.55 -2.68
CA VAL A 171 6.08 16.27 -1.51
C VAL A 171 6.80 17.59 -1.30
N ASP A 172 8.12 17.60 -1.50
CA ASP A 172 8.89 18.81 -1.29
C ASP A 172 8.83 19.82 -2.43
N TYR A 173 8.61 19.34 -3.65
CA TYR A 173 8.60 20.25 -4.80
C TYR A 173 7.30 20.45 -5.62
N ALA A 174 6.22 19.74 -5.30
CA ALA A 174 4.96 19.91 -6.03
C ALA A 174 4.49 21.36 -5.97
N GLY A 175 4.72 22.01 -4.83
CA GLY A 175 4.28 23.39 -4.71
C GLY A 175 5.11 24.35 -5.51
N SER A 176 6.25 23.88 -6.05
CA SER A 176 7.13 24.73 -6.83
C SER A 176 7.11 24.40 -8.32
N GLY A 177 6.09 23.66 -8.73
CA GLY A 177 5.93 23.36 -10.14
C GLY A 177 6.58 22.09 -10.66
N ILE A 178 7.03 21.27 -9.74
CA ILE A 178 7.66 20.03 -10.16
C ILE A 178 6.73 18.84 -9.96
N ARG A 179 6.80 17.92 -10.91
CA ARG A 179 6.01 16.72 -10.87
C ARG A 179 6.99 15.57 -10.80
N CYS A 180 6.76 14.64 -9.88
CA CYS A 180 7.66 13.49 -9.78
C CYS A 180 6.85 12.22 -9.54
N ASN A 181 6.91 11.27 -10.47
CA ASN A 181 6.15 10.04 -10.33
C ASN A 181 7.03 8.86 -10.67
N ALA A 182 6.58 7.65 -10.33
CA ALA A 182 7.38 6.48 -10.68
C ALA A 182 6.56 5.48 -11.48
N VAL A 183 7.20 4.81 -12.45
CA VAL A 183 6.54 3.74 -13.17
C VAL A 183 7.04 2.50 -12.43
N CYS A 184 6.16 1.53 -12.16
CA CYS A 184 6.57 0.30 -11.51
C CYS A 184 6.26 -0.87 -12.44
N PRO A 185 7.19 -1.18 -13.35
CA PRO A 185 6.98 -2.28 -14.29
C PRO A 185 7.08 -3.64 -13.60
N GLY A 186 6.30 -4.59 -14.10
CA GLY A 186 6.36 -5.95 -13.59
C GLY A 186 7.49 -6.60 -14.38
N MET A 187 7.25 -7.79 -14.94
CA MET A 187 8.28 -8.47 -15.73
C MET A 187 8.23 -7.98 -17.18
N ILE A 188 9.32 -7.37 -17.62
CA ILE A 188 9.45 -6.79 -18.96
C ILE A 188 10.57 -7.51 -19.68
N GLU A 189 10.40 -7.76 -20.97
CA GLU A 189 11.41 -8.40 -21.78
C GLU A 189 12.47 -7.38 -22.23
N THR A 190 13.66 -7.46 -21.63
CA THR A 190 14.78 -6.55 -21.98
C THR A 190 16.12 -7.29 -21.85
N PRO A 191 17.23 -6.61 -22.23
CA PRO A 191 18.52 -7.28 -22.10
C PRO A 191 18.82 -7.66 -20.63
N MET A 192 18.21 -6.97 -19.68
CA MET A 192 18.43 -7.27 -18.26
C MET A 192 17.76 -8.55 -17.81
N THR A 193 16.65 -8.89 -18.45
CA THR A 193 15.87 -10.06 -18.09
C THR A 193 15.90 -11.18 -19.13
N GLN A 194 16.41 -10.88 -20.31
CA GLN A 194 16.46 -11.88 -21.38
C GLN A 194 17.06 -13.24 -20.92
N TRP A 195 18.09 -13.21 -20.07
CA TRP A 195 18.71 -14.45 -19.59
C TRP A 195 17.69 -15.39 -18.95
N ARG A 196 16.79 -14.82 -18.14
CA ARG A 196 15.77 -15.60 -17.44
C ARG A 196 14.63 -16.01 -18.37
N LEU A 197 14.07 -15.04 -19.08
CA LEU A 197 12.94 -15.29 -19.97
C LEU A 197 13.23 -16.24 -21.14
N ASP A 198 14.50 -16.44 -21.45
CA ASP A 198 14.89 -17.33 -22.54
C ASP A 198 14.79 -18.80 -22.13
N GLN A 199 14.70 -19.03 -20.83
CA GLN A 199 14.62 -20.39 -20.30
C GLN A 199 13.15 -20.71 -20.03
N PRO A 200 12.56 -21.60 -20.82
CA PRO A 200 11.14 -21.99 -20.67
C PRO A 200 10.68 -22.17 -19.24
N GLU A 201 11.49 -22.88 -18.44
CA GLU A 201 11.11 -23.13 -17.06
C GLU A 201 11.00 -21.87 -16.20
N LEU A 202 11.92 -20.93 -16.39
CA LEU A 202 11.89 -19.72 -15.58
C LEU A 202 10.78 -18.81 -16.07
N ARG A 203 10.60 -18.76 -17.38
CA ARG A 203 9.55 -17.94 -17.97
C ARG A 203 8.18 -18.45 -17.52
N ASP A 204 8.01 -19.77 -17.49
CA ASP A 204 6.74 -20.35 -17.08
C ASP A 204 6.49 -20.00 -15.64
N GLN A 205 7.57 -20.05 -14.86
CA GLN A 205 7.51 -19.74 -13.46
C GLN A 205 7.02 -18.32 -13.17
N VAL A 206 7.55 -17.33 -13.87
CA VAL A 206 7.10 -15.97 -13.59
C VAL A 206 5.72 -15.74 -14.16
N LEU A 207 5.45 -16.26 -15.36
CA LEU A 207 4.13 -16.14 -15.97
C LEU A 207 3.05 -16.73 -15.05
N ALA A 208 3.42 -17.73 -14.25
CA ALA A 208 2.46 -18.35 -13.34
C ALA A 208 2.00 -17.32 -12.32
N ARG A 209 2.77 -16.25 -12.17
CA ARG A 209 2.42 -15.23 -11.20
C ARG A 209 1.90 -13.95 -11.81
N ILE A 210 1.66 -14.01 -13.12
CA ILE A 210 1.12 -12.86 -13.84
C ILE A 210 -0.27 -13.24 -14.36
N PRO A 211 -1.32 -12.70 -13.73
CA PRO A 211 -2.68 -13.02 -14.16
C PRO A 211 -2.88 -12.80 -15.67
N GLN A 212 -2.27 -11.75 -16.21
CA GLN A 212 -2.46 -11.47 -17.62
C GLN A 212 -1.81 -12.51 -18.53
N LYS A 213 -0.96 -13.35 -17.96
CA LYS A 213 -0.28 -14.40 -18.70
C LYS A 213 0.50 -13.91 -19.90
N GLU A 214 1.21 -12.80 -19.71
CA GLU A 214 2.07 -12.26 -20.74
C GLU A 214 3.20 -11.44 -20.15
N ILE A 215 4.31 -11.36 -20.88
CA ILE A 215 5.47 -10.60 -20.43
C ILE A 215 5.35 -9.21 -21.07
N GLY A 216 5.65 -8.15 -20.30
CA GLY A 216 5.57 -6.81 -20.82
C GLY A 216 6.70 -6.44 -21.78
N THR A 217 6.57 -5.29 -22.43
CA THR A 217 7.57 -4.85 -23.41
C THR A 217 8.08 -3.48 -23.08
N ALA A 218 9.23 -3.14 -23.69
CA ALA A 218 9.84 -1.84 -23.51
C ALA A 218 8.91 -0.76 -24.05
N ALA A 219 8.16 -1.06 -25.10
CA ALA A 219 7.25 -0.09 -25.66
C ALA A 219 6.13 0.22 -24.65
N GLN A 220 5.70 -0.78 -23.91
CA GLN A 220 4.65 -0.54 -22.92
C GLN A 220 5.24 0.30 -21.76
N VAL A 221 6.51 0.08 -21.42
CA VAL A 221 7.14 0.89 -20.38
C VAL A 221 7.21 2.36 -20.92
N ALA A 222 7.60 2.52 -22.18
CA ALA A 222 7.69 3.88 -22.72
C ALA A 222 6.31 4.55 -22.74
N ASP A 223 5.24 3.76 -22.97
CA ASP A 223 3.87 4.33 -22.99
C ASP A 223 3.56 4.98 -21.64
N ALA A 224 3.88 4.27 -20.57
CA ALA A 224 3.62 4.76 -19.22
C ALA A 224 4.45 6.01 -18.88
N VAL A 225 5.70 6.03 -19.33
CA VAL A 225 6.62 7.14 -19.12
C VAL A 225 6.07 8.37 -19.85
N MET A 226 5.69 8.19 -21.11
CA MET A 226 5.15 9.31 -21.86
C MET A 226 3.88 9.86 -21.20
N PHE A 227 3.03 8.98 -20.67
CA PHE A 227 1.83 9.48 -20.01
C PHE A 227 2.24 10.32 -18.79
N LEU A 228 3.11 9.79 -17.94
CA LEU A 228 3.53 10.49 -16.73
C LEU A 228 4.33 11.77 -16.99
N ALA A 229 4.95 11.85 -18.16
CA ALA A 229 5.75 13.03 -18.50
C ALA A 229 4.95 14.15 -19.17
N GLY A 230 3.73 13.86 -19.60
CA GLY A 230 3.00 14.88 -20.32
C GLY A 230 1.77 15.56 -19.73
N GLU A 231 1.13 16.30 -20.62
CA GLU A 231 -0.04 17.11 -20.31
C GLU A 231 -1.24 16.33 -19.83
N ASP A 232 -1.22 15.00 -19.93
CA ASP A 232 -2.39 14.24 -19.45
C ASP A 232 -2.24 13.75 -18.02
N ALA A 233 -1.14 14.14 -17.36
CA ALA A 233 -0.91 13.73 -15.97
C ALA A 233 -0.55 14.94 -15.09
N THR A 234 -1.07 16.11 -15.42
CA THR A 234 -0.76 17.31 -14.65
C THR A 234 -1.18 17.26 -13.17
N TYR A 235 -2.13 16.40 -12.81
CA TYR A 235 -2.53 16.30 -11.42
C TYR A 235 -2.01 15.01 -10.79
N VAL A 236 -1.21 14.25 -11.54
CA VAL A 236 -0.57 13.04 -11.02
C VAL A 236 0.79 13.47 -10.42
N ASN A 237 0.98 13.28 -9.12
CA ASN A 237 2.23 13.69 -8.49
C ASN A 237 2.50 12.82 -7.26
N GLY A 238 3.71 12.27 -7.15
CA GLY A 238 4.07 11.40 -6.04
C GLY A 238 3.43 10.03 -6.12
N ALA A 239 3.02 9.66 -7.33
CA ALA A 239 2.33 8.38 -7.50
C ALA A 239 3.16 7.26 -8.15
N ALA A 240 2.70 6.03 -7.95
CA ALA A 240 3.34 4.87 -8.55
C ALA A 240 2.38 4.30 -9.57
N LEU A 241 2.76 4.28 -10.84
CA LEU A 241 1.90 3.72 -11.87
C LEU A 241 2.41 2.30 -12.10
N VAL A 242 1.65 1.32 -11.62
CA VAL A 242 2.06 -0.07 -11.75
C VAL A 242 1.64 -0.63 -13.10
N MET A 243 2.57 -1.22 -13.83
CA MET A 243 2.24 -1.74 -15.17
C MET A 243 2.83 -3.13 -15.12
N ASP A 244 2.01 -4.08 -14.67
CA ASP A 244 2.49 -5.44 -14.45
C ASP A 244 1.57 -6.62 -14.78
N GLY A 245 0.58 -6.43 -15.64
CA GLY A 245 -0.34 -7.53 -15.94
C GLY A 245 -1.01 -8.11 -14.70
N ALA A 246 -1.18 -7.29 -13.66
CA ALA A 246 -1.81 -7.67 -12.39
C ALA A 246 -0.95 -8.50 -11.44
N TYR A 247 0.35 -8.51 -11.70
CA TYR A 247 1.30 -9.26 -10.86
C TYR A 247 1.16 -8.87 -9.37
N THR A 248 1.02 -7.58 -9.08
CA THR A 248 0.89 -7.12 -7.68
C THR A 248 -0.56 -7.07 -7.17
N ALA A 249 -1.51 -7.49 -8.01
CA ALA A 249 -2.92 -7.46 -7.62
C ALA A 249 -3.33 -8.76 -6.94
N ILE A 250 -2.40 -9.71 -6.87
CA ILE A 250 -2.70 -11.00 -6.23
C ILE A 250 -1.57 -11.28 -5.23
N MET B 1 14.05 -19.13 31.22
CA MET B 1 14.62 -19.47 29.88
C MET B 1 15.33 -18.22 29.32
N SER B 2 15.79 -18.24 28.07
CA SER B 2 16.51 -17.08 27.55
C SER B 2 16.94 -17.08 26.07
N ARG B 3 16.50 -16.09 25.32
CA ARG B 3 16.87 -15.95 23.91
C ARG B 3 18.03 -14.98 23.86
N VAL B 4 18.76 -14.97 22.75
CA VAL B 4 19.87 -14.06 22.55
C VAL B 4 19.49 -13.07 21.44
N ALA B 5 19.44 -11.80 21.80
CA ALA B 5 19.12 -10.73 20.86
C ALA B 5 20.28 -9.77 20.65
N ILE B 6 20.48 -9.37 19.40
CA ILE B 6 21.47 -8.36 19.07
C ILE B 6 20.60 -7.14 18.80
N VAL B 7 20.87 -6.05 19.52
CA VAL B 7 20.11 -4.81 19.32
C VAL B 7 21.08 -3.69 18.92
N THR B 8 20.89 -3.11 17.73
CA THR B 8 21.78 -2.04 17.27
C THR B 8 21.24 -0.68 17.69
N GLY B 9 22.14 0.29 17.89
CA GLY B 9 21.74 1.60 18.36
C GLY B 9 21.17 1.47 19.77
N ALA B 10 21.76 0.57 20.56
CA ALA B 10 21.27 0.27 21.90
C ALA B 10 21.53 1.23 23.05
N SER B 11 22.42 2.21 22.89
CA SER B 11 22.68 3.09 24.03
C SER B 11 21.72 4.23 24.30
N SER B 12 20.71 4.41 23.43
CA SER B 12 19.74 5.47 23.69
C SER B 12 18.44 5.32 22.89
N GLY B 13 17.44 6.13 23.24
CA GLY B 13 16.18 6.12 22.51
C GLY B 13 15.45 4.79 22.45
N ASN B 14 14.97 4.45 21.26
CA ASN B 14 14.24 3.22 21.07
C ASN B 14 15.13 2.01 21.36
N GLY B 15 16.37 2.07 20.88
CA GLY B 15 17.30 0.97 21.07
C GLY B 15 17.50 0.63 22.53
N LEU B 16 17.61 1.65 23.38
CA LEU B 16 17.78 1.42 24.80
C LEU B 16 16.52 0.77 25.39
N ALA B 17 15.34 1.29 25.08
CA ALA B 17 14.10 0.69 25.60
C ALA B 17 13.99 -0.75 25.14
N ILE B 18 14.33 -0.99 23.89
CA ILE B 18 14.24 -2.33 23.32
C ILE B 18 15.17 -3.29 24.04
N ALA B 19 16.44 -2.89 24.17
CA ALA B 19 17.43 -3.74 24.85
C ALA B 19 17.00 -4.04 26.28
N THR B 20 16.58 -3.01 27.00
CA THR B 20 16.17 -3.19 28.38
C THR B 20 14.99 -4.15 28.50
N ARG B 21 14.07 -4.09 27.55
CA ARG B 21 12.94 -4.99 27.58
C ARG B 21 13.34 -6.45 27.42
N PHE B 22 14.26 -6.74 26.50
CA PHE B 22 14.71 -8.12 26.31
C PHE B 22 15.37 -8.59 27.60
N LEU B 23 16.17 -7.72 28.19
CA LEU B 23 16.88 -8.06 29.44
C LEU B 23 15.87 -8.35 30.57
N ALA B 24 14.87 -7.48 30.69
CA ALA B 24 13.83 -7.63 31.71
C ALA B 24 13.05 -8.94 31.55
N ARG B 25 12.97 -9.47 30.34
CA ARG B 25 12.24 -10.69 30.14
C ARG B 25 13.13 -11.91 30.35
N GLY B 26 14.41 -11.69 30.66
CA GLY B 26 15.29 -12.82 30.90
C GLY B 26 16.17 -13.20 29.72
N ASP B 27 16.12 -12.41 28.66
CA ASP B 27 16.95 -12.69 27.50
C ASP B 27 18.33 -12.07 27.64
N ARG B 28 19.26 -12.51 26.80
CA ARG B 28 20.60 -11.95 26.82
C ARG B 28 20.68 -11.03 25.60
N VAL B 29 21.39 -9.91 25.75
CA VAL B 29 21.52 -8.92 24.69
C VAL B 29 22.93 -8.50 24.33
N ALA B 30 23.20 -8.39 23.03
CA ALA B 30 24.48 -7.87 22.57
C ALA B 30 24.01 -6.47 22.16
N ALA B 31 24.43 -5.46 22.91
CA ALA B 31 24.07 -4.08 22.66
C ALA B 31 25.17 -3.41 21.83
N LEU B 32 24.86 -3.07 20.58
CA LEU B 32 25.84 -2.42 19.73
C LEU B 32 25.55 -0.95 19.53
N ASP B 33 26.60 -0.14 19.65
CA ASP B 33 26.45 1.27 19.38
C ASP B 33 27.82 1.84 19.06
N LEU B 34 27.87 3.12 18.69
CA LEU B 34 29.12 3.78 18.30
C LEU B 34 30.17 4.07 19.34
N SER B 35 29.77 4.20 20.60
CA SER B 35 30.70 4.55 21.65
C SER B 35 30.74 3.54 22.82
N ALA B 36 31.95 3.05 23.10
CA ALA B 36 32.18 2.10 24.18
C ALA B 36 31.90 2.84 25.49
N GLU B 37 32.36 4.09 25.56
CA GLU B 37 32.15 4.91 26.74
C GLU B 37 30.66 5.05 27.10
N THR B 38 29.86 5.52 26.15
CA THR B 38 28.44 5.68 26.36
C THR B 38 27.75 4.35 26.63
N LEU B 39 28.23 3.29 25.97
CA LEU B 39 27.62 2.00 26.21
C LEU B 39 27.84 1.60 27.67
N GLU B 40 29.03 1.86 28.19
CA GLU B 40 29.33 1.52 29.58
C GLU B 40 28.49 2.34 30.55
N GLU B 41 28.33 3.62 30.25
CA GLU B 41 27.53 4.51 31.08
C GLU B 41 26.07 4.05 31.08
N THR B 42 25.59 3.62 29.92
CA THR B 42 24.22 3.13 29.79
C THR B 42 24.06 1.83 30.57
N ALA B 43 25.05 0.95 30.45
CA ALA B 43 25.02 -0.33 31.16
C ALA B 43 25.01 -0.12 32.68
N ARG B 44 25.71 0.92 33.13
CA ARG B 44 25.79 1.23 34.55
C ARG B 44 24.51 1.85 35.12
N THR B 45 23.84 2.67 34.33
CA THR B 45 22.64 3.34 34.79
C THR B 45 21.31 2.69 34.42
N HIS B 46 21.32 1.82 33.43
CA HIS B 46 20.09 1.18 33.00
C HIS B 46 20.14 -0.33 33.05
N TRP B 47 21.34 -0.92 32.92
CA TRP B 47 21.47 -2.36 32.89
C TRP B 47 22.25 -3.02 34.03
N HIS B 48 22.45 -2.32 35.13
CA HIS B 48 23.23 -2.88 36.23
C HIS B 48 22.65 -4.17 36.81
N ALA B 49 21.33 -4.31 36.80
CA ALA B 49 20.74 -5.51 37.34
C ALA B 49 21.09 -6.73 36.49
N TYR B 50 21.38 -6.51 35.21
CA TYR B 50 21.67 -7.65 34.35
C TYR B 50 23.14 -7.97 34.12
N ALA B 51 24.01 -7.10 34.63
CA ALA B 51 25.45 -7.31 34.52
C ALA B 51 25.90 -7.92 33.20
N ASP B 52 26.39 -9.15 33.30
CA ASP B 52 26.93 -9.94 32.21
C ASP B 52 25.94 -10.41 31.16
N LYS B 53 24.63 -10.35 31.45
CA LYS B 53 23.64 -10.78 30.46
C LYS B 53 23.57 -9.81 29.28
N VAL B 54 24.32 -8.72 29.36
CA VAL B 54 24.37 -7.77 28.26
C VAL B 54 25.82 -7.59 27.85
N LEU B 55 26.09 -7.83 26.57
CA LEU B 55 27.44 -7.69 26.05
C LEU B 55 27.49 -6.34 25.37
N ARG B 56 28.34 -5.43 25.85
CA ARG B 56 28.44 -4.11 25.20
C ARG B 56 29.45 -4.16 24.06
N VAL B 57 29.01 -3.92 22.83
CA VAL B 57 29.93 -3.98 21.70
C VAL B 57 29.95 -2.70 20.88
N ARG B 58 31.14 -2.13 20.73
CA ARG B 58 31.26 -0.93 19.95
C ARG B 58 31.22 -1.38 18.50
N ALA B 59 30.36 -0.75 17.71
CA ALA B 59 30.25 -1.13 16.32
C ALA B 59 29.54 -0.08 15.49
N ASP B 60 30.07 0.18 14.31
CA ASP B 60 29.43 1.11 13.39
C ASP B 60 28.73 0.13 12.46
N VAL B 61 27.40 0.12 12.44
CA VAL B 61 26.67 -0.84 11.62
C VAL B 61 26.97 -0.74 10.13
N ALA B 62 27.44 0.43 9.70
CA ALA B 62 27.74 0.66 8.30
C ALA B 62 29.08 0.02 7.89
N ASP B 63 29.82 -0.49 8.88
CA ASP B 63 31.13 -1.08 8.61
C ASP B 63 31.09 -2.61 8.71
N GLU B 64 31.43 -3.27 7.59
CA GLU B 64 31.40 -4.73 7.56
C GLU B 64 32.26 -5.42 8.62
N GLY B 65 33.46 -4.91 8.83
CA GLY B 65 34.31 -5.52 9.83
C GLY B 65 33.73 -5.44 11.22
N ASP B 66 33.25 -4.26 11.60
CA ASP B 66 32.66 -4.04 12.93
C ASP B 66 31.47 -4.96 13.14
N VAL B 67 30.61 -5.06 12.12
CA VAL B 67 29.44 -5.93 12.23
C VAL B 67 29.85 -7.42 12.33
N ASN B 68 30.75 -7.86 11.46
CA ASN B 68 31.15 -9.25 11.52
C ASN B 68 31.76 -9.62 12.86
N ALA B 69 32.59 -8.72 13.40
CA ALA B 69 33.23 -8.93 14.69
C ALA B 69 32.20 -8.93 15.82
N ALA B 70 31.18 -8.09 15.72
CA ALA B 70 30.15 -8.04 16.75
C ALA B 70 29.36 -9.33 16.76
N ILE B 71 29.06 -9.88 15.59
CA ILE B 71 28.30 -11.13 15.52
C ILE B 71 29.15 -12.28 16.08
N ALA B 72 30.45 -12.27 15.76
CA ALA B 72 31.33 -13.31 16.27
C ALA B 72 31.44 -13.21 17.79
N ALA B 73 31.50 -11.99 18.32
CA ALA B 73 31.58 -11.78 19.76
C ALA B 73 30.32 -12.29 20.45
N THR B 74 29.18 -12.05 19.81
CA THR B 74 27.89 -12.49 20.36
C THR B 74 27.87 -14.01 20.41
N MET B 75 28.28 -14.66 19.32
CA MET B 75 28.31 -16.11 19.28
C MET B 75 29.23 -16.67 20.36
N GLU B 76 30.38 -16.04 20.55
CA GLU B 76 31.35 -16.48 21.54
C GLU B 76 30.83 -16.35 22.96
N GLN B 77 30.21 -15.22 23.24
CA GLN B 77 29.69 -14.94 24.55
C GLN B 77 28.39 -15.68 24.91
N PHE B 78 27.46 -15.73 23.97
CA PHE B 78 26.16 -16.32 24.24
C PHE B 78 25.79 -17.60 23.50
N GLY B 79 26.59 -17.97 22.50
CA GLY B 79 26.33 -19.24 21.83
C GLY B 79 25.30 -19.40 20.73
N ALA B 80 24.56 -18.34 20.42
CA ALA B 80 23.55 -18.37 19.37
C ALA B 80 23.05 -16.94 19.16
N ILE B 81 22.33 -16.73 18.07
CA ILE B 81 21.74 -15.42 17.81
C ILE B 81 20.31 -15.75 17.41
N ASP B 82 19.37 -15.49 18.32
CA ASP B 82 17.96 -15.79 18.06
C ASP B 82 17.20 -14.62 17.46
N VAL B 83 17.55 -13.42 17.87
CA VAL B 83 16.84 -12.24 17.37
C VAL B 83 17.83 -11.13 17.01
N LEU B 84 17.55 -10.44 15.91
CA LEU B 84 18.36 -9.30 15.51
C LEU B 84 17.40 -8.13 15.37
N VAL B 85 17.61 -7.06 16.12
CA VAL B 85 16.75 -5.89 15.99
C VAL B 85 17.63 -4.79 15.37
N ASN B 86 17.40 -4.52 14.09
CA ASN B 86 18.19 -3.50 13.40
C ASN B 86 17.54 -2.15 13.69
N ASN B 87 17.97 -1.53 14.78
CA ASN B 87 17.40 -0.27 15.23
C ASN B 87 18.18 0.99 14.91
N ALA B 88 19.50 0.90 14.90
CA ALA B 88 20.35 2.06 14.62
C ALA B 88 19.91 2.81 13.40
N GLY B 89 19.90 4.14 13.50
CA GLY B 89 19.48 4.92 12.35
C GLY B 89 19.78 6.36 12.61
N ILE B 90 19.90 7.15 11.54
CA ILE B 90 20.15 8.60 11.63
C ILE B 90 19.22 9.33 10.69
N THR B 91 19.04 10.60 10.95
CA THR B 91 18.16 11.40 10.09
C THR B 91 18.93 12.18 9.05
N GLY B 92 20.20 12.44 9.35
CA GLY B 92 21.02 13.26 8.48
C GLY B 92 21.08 14.56 9.26
N ASN B 93 22.08 15.41 9.04
CA ASN B 93 22.13 16.65 9.80
C ASN B 93 21.11 17.67 9.33
N SER B 94 21.24 18.91 9.81
CA SER B 94 20.29 19.94 9.46
C SER B 94 20.29 20.27 7.96
N GLU B 95 21.34 19.87 7.24
CA GLU B 95 21.36 20.16 5.80
C GLU B 95 20.70 19.03 4.98
N ALA B 96 20.48 17.88 5.63
CA ALA B 96 19.85 16.78 4.92
C ALA B 96 18.34 17.02 4.96
N GLY B 97 17.92 18.02 4.17
CA GLY B 97 16.53 18.43 4.09
C GLY B 97 15.89 17.99 2.78
N VAL B 98 15.48 18.94 1.95
CA VAL B 98 14.90 18.54 0.68
C VAL B 98 16.02 17.97 -0.17
N LEU B 99 15.66 17.18 -1.17
CA LEU B 99 16.70 16.54 -1.97
C LEU B 99 17.80 17.38 -2.59
N HIS B 100 17.44 18.41 -3.38
CA HIS B 100 18.48 19.16 -4.07
C HIS B 100 19.52 19.88 -3.25
N THR B 101 19.21 20.23 -2.01
CA THR B 101 20.25 20.87 -1.20
C THR B 101 20.86 19.92 -0.16
N THR B 102 20.56 18.62 -0.21
CA THR B 102 21.21 17.74 0.76
C THR B 102 22.60 17.39 0.26
N PRO B 103 23.61 17.61 1.12
CA PRO B 103 25.00 17.32 0.76
C PRO B 103 25.11 15.88 0.33
N VAL B 104 25.82 15.62 -0.74
CA VAL B 104 25.96 14.25 -1.20
C VAL B 104 26.50 13.36 -0.06
N GLU B 105 27.45 13.90 0.72
CA GLU B 105 28.01 13.15 1.84
C GLU B 105 26.92 12.75 2.85
N GLN B 106 25.94 13.62 3.05
CA GLN B 106 24.85 13.29 3.98
C GLN B 106 23.95 12.20 3.43
N PHE B 107 23.65 12.27 2.13
CA PHE B 107 22.83 11.24 1.54
C PHE B 107 23.58 9.90 1.70
N ASP B 108 24.87 9.85 1.37
CA ASP B 108 25.61 8.59 1.49
C ASP B 108 25.68 8.07 2.93
N LYS B 109 25.86 8.96 3.90
CA LYS B 109 25.93 8.55 5.31
C LYS B 109 24.58 7.99 5.77
N VAL B 110 23.48 8.65 5.43
CA VAL B 110 22.18 8.17 5.85
C VAL B 110 21.88 6.81 5.22
N MET B 111 22.15 6.66 3.91
CA MET B 111 21.95 5.36 3.25
C MET B 111 22.89 4.27 3.81
N ALA B 112 24.11 4.64 4.16
CA ALA B 112 25.08 3.68 4.72
C ALA B 112 24.64 3.15 6.10
N VAL B 113 24.19 4.04 6.98
CA VAL B 113 23.73 3.61 8.30
C VAL B 113 22.37 2.91 8.28
N ASN B 114 21.38 3.60 7.72
CA ASN B 114 20.01 3.11 7.67
C ASN B 114 19.73 1.91 6.77
N VAL B 115 20.52 1.71 5.71
CA VAL B 115 20.26 0.59 4.82
C VAL B 115 21.43 -0.39 4.78
N ARG B 116 22.61 0.09 4.41
CA ARG B 116 23.77 -0.82 4.37
C ARG B 116 23.99 -1.52 5.71
N GLY B 117 23.78 -0.78 6.80
CA GLY B 117 23.97 -1.36 8.12
C GLY B 117 22.99 -2.49 8.38
N ILE B 118 21.77 -2.35 7.84
CA ILE B 118 20.77 -3.40 8.02
C ILE B 118 21.13 -4.61 7.15
N PHE B 119 21.62 -4.35 5.93
CA PHE B 119 22.05 -5.45 5.03
C PHE B 119 23.19 -6.22 5.69
N LEU B 120 24.16 -5.48 6.22
CA LEU B 120 25.32 -6.10 6.88
C LEU B 120 24.92 -6.91 8.12
N GLY B 121 24.01 -6.36 8.93
CA GLY B 121 23.54 -7.05 10.13
C GLY B 121 22.81 -8.34 9.74
N CYS B 122 21.92 -8.27 8.76
CA CYS B 122 21.20 -9.47 8.33
C CYS B 122 22.17 -10.47 7.64
N ARG B 123 23.12 -9.96 6.85
CA ARG B 123 24.05 -10.83 6.14
C ARG B 123 24.88 -11.60 7.16
N ALA B 124 25.21 -10.96 8.27
CA ALA B 124 26.04 -11.64 9.27
C ALA B 124 25.28 -12.62 10.16
N VAL B 125 24.02 -12.32 10.51
CA VAL B 125 23.30 -13.23 11.39
C VAL B 125 22.57 -14.36 10.69
N LEU B 126 22.18 -14.17 9.43
CA LEU B 126 21.43 -15.22 8.73
C LEU B 126 22.09 -16.60 8.69
N PRO B 127 23.38 -16.67 8.39
CA PRO B 127 24.03 -18.00 8.35
C PRO B 127 23.83 -18.77 9.67
N HIS B 128 23.89 -18.04 10.79
CA HIS B 128 23.71 -18.63 12.11
C HIS B 128 22.25 -19.03 12.35
N MET B 129 21.31 -18.15 12.02
CA MET B 129 19.89 -18.48 12.17
C MET B 129 19.50 -19.69 11.31
N LEU B 130 20.06 -19.76 10.09
CA LEU B 130 19.77 -20.89 9.19
C LEU B 130 20.19 -22.22 9.82
N LEU B 131 21.39 -22.26 10.39
CA LEU B 131 21.90 -23.47 11.06
C LEU B 131 21.11 -23.79 12.31
N GLN B 132 20.58 -22.77 12.98
CA GLN B 132 19.78 -22.98 14.18
C GLN B 132 18.42 -23.53 13.77
N GLY B 133 18.02 -23.24 12.54
CA GLY B 133 16.72 -23.65 12.04
C GLY B 133 15.61 -22.67 12.42
N ALA B 134 16.01 -21.54 13.04
CA ALA B 134 15.05 -20.51 13.47
C ALA B 134 15.75 -19.20 13.77
N GLY B 135 15.09 -18.10 13.43
CA GLY B 135 15.66 -16.77 13.66
C GLY B 135 14.62 -15.70 13.41
N VAL B 136 14.70 -14.61 14.16
CA VAL B 136 13.74 -13.54 13.98
C VAL B 136 14.47 -12.21 13.81
N ILE B 137 14.07 -11.44 12.81
CA ILE B 137 14.70 -10.16 12.56
C ILE B 137 13.58 -9.10 12.60
N VAL B 138 13.83 -8.02 13.32
CA VAL B 138 12.88 -6.91 13.37
C VAL B 138 13.64 -5.68 12.91
N ASN B 139 13.18 -5.06 11.83
CA ASN B 139 13.83 -3.87 11.35
C ASN B 139 13.01 -2.69 11.79
N ILE B 140 13.68 -1.64 12.27
CA ILE B 140 12.96 -0.44 12.63
C ILE B 140 12.95 0.43 11.38
N ALA B 141 11.81 0.47 10.71
CA ALA B 141 11.66 1.31 9.52
C ALA B 141 11.03 2.64 9.99
N SER B 142 9.90 3.02 9.39
CA SER B 142 9.26 4.29 9.73
C SER B 142 8.03 4.46 8.87
N VAL B 143 7.13 5.34 9.26
CA VAL B 143 6.02 5.60 8.37
C VAL B 143 6.63 6.23 7.10
N ALA B 144 7.86 6.76 7.18
CA ALA B 144 8.52 7.34 6.00
C ALA B 144 8.82 6.25 4.94
N SER B 145 8.60 5.00 5.30
CA SER B 145 8.77 3.88 4.39
C SER B 145 7.54 3.85 3.50
N LEU B 146 6.46 4.50 3.94
CA LEU B 146 5.16 4.47 3.23
C LEU B 146 4.73 5.82 2.64
N VAL B 147 5.04 6.88 3.37
CA VAL B 147 4.73 8.22 2.89
C VAL B 147 6.03 9.01 3.04
N ALA B 148 6.13 10.16 2.41
CA ALA B 148 7.35 10.93 2.53
C ALA B 148 7.24 11.96 3.66
N PHE B 149 8.31 12.14 4.43
CA PHE B 149 8.38 13.15 5.49
C PHE B 149 8.87 14.39 4.78
N PRO B 150 8.13 15.51 4.88
CA PRO B 150 8.58 16.72 4.20
C PRO B 150 9.94 17.16 4.75
N GLY B 151 10.80 17.61 3.86
CA GLY B 151 12.10 18.11 4.26
C GLY B 151 13.08 17.08 4.80
N ARG B 152 12.84 15.80 4.57
CA ARG B 152 13.76 14.79 5.04
C ARG B 152 13.85 13.75 3.93
N SER B 153 14.47 14.15 2.82
CA SER B 153 14.53 13.28 1.65
C SER B 153 15.42 12.03 1.75
N ALA B 154 16.64 12.20 2.22
CA ALA B 154 17.54 11.06 2.36
C ALA B 154 16.96 10.07 3.34
N TYR B 155 16.46 10.56 4.46
CA TYR B 155 15.87 9.67 5.47
C TYR B 155 14.69 8.91 4.86
N THR B 156 13.80 9.63 4.18
CA THR B 156 12.64 8.99 3.58
C THR B 156 13.06 7.92 2.56
N THR B 157 14.08 8.23 1.77
CA THR B 157 14.62 7.31 0.77
C THR B 157 15.14 6.02 1.42
N SER B 158 15.97 6.18 2.46
CA SER B 158 16.53 5.03 3.20
C SER B 158 15.44 4.10 3.75
N LYS B 159 14.36 4.66 4.29
CA LYS B 159 13.30 3.85 4.87
C LYS B 159 12.50 3.07 3.84
N GLY B 160 12.44 3.57 2.61
CA GLY B 160 11.78 2.84 1.55
C GLY B 160 12.59 1.56 1.31
N ALA B 161 13.91 1.67 1.32
CA ALA B 161 14.79 0.50 1.15
C ALA B 161 14.69 -0.46 2.35
N VAL B 162 14.58 0.06 3.58
CA VAL B 162 14.46 -0.83 4.73
C VAL B 162 13.21 -1.72 4.63
N LEU B 163 12.07 -1.13 4.26
CA LEU B 163 10.85 -1.94 4.19
C LEU B 163 10.98 -3.02 3.13
N GLN B 164 11.55 -2.69 1.97
CA GLN B 164 11.69 -3.68 0.91
C GLN B 164 12.72 -4.75 1.22
N LEU B 165 13.78 -4.37 1.93
CA LEU B 165 14.80 -5.33 2.34
C LEU B 165 14.09 -6.31 3.29
N THR B 166 13.21 -5.77 4.15
CA THR B 166 12.46 -6.61 5.09
C THR B 166 11.64 -7.67 4.36
N LYS B 167 10.86 -7.25 3.36
CA LYS B 167 10.04 -8.17 2.57
C LYS B 167 10.93 -9.18 1.83
N SER B 168 12.08 -8.72 1.35
CA SER B 168 13.03 -9.61 0.64
C SER B 168 13.48 -10.78 1.52
N VAL B 169 13.95 -10.48 2.73
CA VAL B 169 14.40 -11.51 3.67
C VAL B 169 13.22 -12.43 4.04
N ALA B 170 12.03 -11.86 4.19
CA ALA B 170 10.87 -12.68 4.52
C ALA B 170 10.54 -13.65 3.38
N VAL B 171 10.54 -13.14 2.16
CA VAL B 171 10.20 -13.98 1.02
C VAL B 171 11.24 -15.05 0.77
N ASP B 172 12.52 -14.69 0.86
CA ASP B 172 13.56 -15.68 0.62
C ASP B 172 13.84 -16.65 1.76
N TYR B 173 13.57 -16.24 2.99
CA TYR B 173 13.90 -17.12 4.12
C TYR B 173 12.75 -17.68 4.95
N ALA B 174 11.52 -17.30 4.67
CA ALA B 174 10.39 -17.81 5.46
C ALA B 174 10.37 -19.33 5.49
N GLY B 175 10.71 -19.94 4.37
CA GLY B 175 10.73 -21.38 4.25
C GLY B 175 11.80 -22.08 5.05
N SER B 176 12.80 -21.33 5.50
CA SER B 176 13.90 -21.89 6.27
C SER B 176 13.85 -21.58 7.75
N GLY B 177 12.67 -21.19 8.24
CA GLY B 177 12.48 -20.90 9.64
C GLY B 177 12.75 -19.47 10.10
N ILE B 178 12.95 -18.56 9.16
CA ILE B 178 13.23 -17.18 9.55
C ILE B 178 12.00 -16.28 9.43
N ARG B 179 11.92 -15.33 10.35
CA ARG B 179 10.84 -14.33 10.35
C ARG B 179 11.51 -12.97 10.24
N CYS B 180 10.99 -12.11 9.37
CA CYS B 180 11.54 -10.76 9.24
C CYS B 180 10.38 -9.80 9.03
N ASN B 181 10.26 -8.84 9.93
CA ASN B 181 9.18 -7.87 9.88
C ASN B 181 9.72 -6.49 10.24
N ALA B 182 8.95 -5.45 9.94
CA ALA B 182 9.41 -4.12 10.28
C ALA B 182 8.41 -3.35 11.13
N VAL B 183 8.90 -2.60 12.12
CA VAL B 183 7.98 -1.72 12.86
C VAL B 183 8.10 -0.40 12.08
N CYS B 184 6.99 0.28 11.84
CA CYS B 184 7.05 1.56 11.12
C CYS B 184 6.51 2.62 12.06
N PRO B 185 7.38 3.16 12.94
CA PRO B 185 6.90 4.19 13.88
C PRO B 185 6.61 5.52 13.19
N GLY B 186 5.68 6.26 13.78
CA GLY B 186 5.35 7.58 13.29
C GLY B 186 6.28 8.50 14.07
N MET B 187 5.77 9.58 14.66
CA MET B 187 6.64 10.49 15.42
C MET B 187 6.75 10.02 16.86
N ILE B 188 7.98 9.68 17.24
CA ILE B 188 8.32 9.21 18.57
C ILE B 188 9.28 10.20 19.22
N GLU B 189 9.11 10.42 20.52
CA GLU B 189 9.97 11.31 21.29
C GLU B 189 11.28 10.58 21.63
N THR B 190 12.39 10.97 21.02
CA THR B 190 13.69 10.34 21.31
C THR B 190 14.80 11.38 21.16
N PRO B 191 16.04 11.01 21.50
CA PRO B 191 17.15 11.97 21.36
C PRO B 191 17.24 12.52 19.92
N MET B 192 16.82 11.71 18.96
CA MET B 192 16.82 12.06 17.53
C MET B 192 15.80 13.16 17.15
N THR B 193 14.69 13.22 17.88
CA THR B 193 13.61 14.18 17.57
C THR B 193 13.36 15.19 18.67
N GLN B 194 13.99 14.96 19.82
CA GLN B 194 13.86 15.81 20.99
C GLN B 194 13.96 17.32 20.68
N TRP B 195 14.98 17.73 19.94
CA TRP B 195 15.17 19.14 19.60
C TRP B 195 13.86 19.77 19.08
N ARG B 196 13.33 19.20 18.00
CA ARG B 196 12.08 19.67 17.38
C ARG B 196 10.87 19.60 18.31
N LEU B 197 10.61 18.43 18.89
CA LEU B 197 9.47 18.21 19.77
C LEU B 197 9.44 19.03 21.07
N ASP B 198 10.59 19.58 21.45
CA ASP B 198 10.67 20.39 22.67
C ASP B 198 10.01 21.74 22.48
N GLN B 199 9.94 22.18 21.24
CA GLN B 199 9.33 23.46 20.92
C GLN B 199 7.84 23.28 20.67
N PRO B 200 7.00 23.80 21.59
CA PRO B 200 5.54 23.71 21.48
C PRO B 200 4.96 24.03 20.10
N GLU B 201 5.50 25.06 19.46
CA GLU B 201 4.98 25.42 18.15
C GLU B 201 5.37 24.37 17.11
N LEU B 202 6.52 23.72 17.29
CA LEU B 202 6.95 22.72 16.34
C LEU B 202 6.23 21.39 16.63
N ARG B 203 6.04 21.12 17.91
CA ARG B 203 5.35 19.91 18.34
C ARG B 203 3.92 20.02 17.82
N ASP B 204 3.34 21.21 17.91
CA ASP B 204 1.98 21.42 17.46
C ASP B 204 1.78 21.13 15.97
N GLN B 205 2.75 21.49 15.15
CA GLN B 205 2.65 21.26 13.70
C GLN B 205 2.63 19.76 13.43
N VAL B 206 3.41 19.02 14.23
CA VAL B 206 3.48 17.57 14.10
C VAL B 206 2.15 16.97 14.55
N LEU B 207 1.65 17.42 15.70
CA LEU B 207 0.39 16.95 16.26
C LEU B 207 -0.80 17.13 15.32
N ALA B 208 -0.75 18.19 14.51
CA ALA B 208 -1.85 18.47 13.58
C ALA B 208 -2.02 17.36 12.55
N ARG B 209 -0.96 16.59 12.32
CA ARG B 209 -1.00 15.53 11.33
C ARG B 209 -1.19 14.15 11.94
N ILE B 210 -1.42 14.12 13.25
CA ILE B 210 -1.61 12.87 13.97
C ILE B 210 -3.04 12.87 14.53
N PRO B 211 -3.94 12.05 13.95
CA PRO B 211 -5.32 12.00 14.45
C PRO B 211 -5.43 11.72 15.96
N GLN B 212 -4.57 10.84 16.47
CA GLN B 212 -4.60 10.52 17.88
C GLN B 212 -4.15 11.71 18.76
N LYS B 213 -3.48 12.69 18.15
CA LYS B 213 -3.03 13.89 18.87
C LYS B 213 -2.10 13.59 20.04
N GLU B 214 -1.20 12.63 19.83
CA GLU B 214 -0.23 12.26 20.84
C GLU B 214 1.06 11.91 20.13
N ILE B 215 2.18 12.12 20.81
CA ILE B 215 3.51 11.78 20.29
C ILE B 215 3.83 10.40 20.90
N GLY B 216 4.35 9.47 20.09
CA GLY B 216 4.68 8.15 20.61
C GLY B 216 5.90 8.11 21.53
N THR B 217 6.14 6.97 22.18
CA THR B 217 7.28 6.84 23.08
C THR B 217 8.13 5.65 22.71
N ALA B 218 9.32 5.60 23.28
CA ALA B 218 10.27 4.52 23.02
C ALA B 218 9.69 3.22 23.61
N ALA B 219 8.90 3.37 24.67
CA ALA B 219 8.27 2.21 25.29
C ALA B 219 7.26 1.57 24.33
N GLN B 220 6.57 2.39 23.56
CA GLN B 220 5.60 1.83 22.64
C GLN B 220 6.33 1.15 21.45
N VAL B 221 7.47 1.70 21.05
CA VAL B 221 8.24 1.09 19.97
C VAL B 221 8.70 -0.26 20.48
N ALA B 222 9.17 -0.29 21.73
CA ALA B 222 9.64 -1.55 22.28
C ALA B 222 8.50 -2.56 22.36
N ASP B 223 7.28 -2.07 22.64
CA ASP B 223 6.12 -2.97 22.72
C ASP B 223 5.90 -3.66 21.38
N ALA B 224 6.00 -2.89 20.31
CA ALA B 224 5.76 -3.43 18.98
C ALA B 224 6.88 -4.43 18.62
N VAL B 225 8.12 -4.09 18.97
CA VAL B 225 9.24 -4.97 18.68
C VAL B 225 9.07 -6.31 19.43
N MET B 226 8.74 -6.26 20.72
CA MET B 226 8.56 -7.50 21.48
C MET B 226 7.50 -8.37 20.85
N PHE B 227 6.39 -7.76 20.44
CA PHE B 227 5.36 -8.52 19.75
C PHE B 227 5.93 -9.21 18.49
N LEU B 228 6.58 -8.44 17.62
CA LEU B 228 7.14 -8.98 16.37
C LEU B 228 8.25 -10.00 16.58
N ALA B 229 8.96 -9.89 17.70
CA ALA B 229 10.05 -10.82 17.99
C ALA B 229 9.64 -12.13 18.65
N GLY B 230 8.45 -12.19 19.22
CA GLY B 230 8.07 -13.38 19.96
C GLY B 230 7.02 -14.36 19.46
N GLU B 231 6.62 -15.26 20.38
CA GLU B 231 5.68 -16.33 20.04
C GLU B 231 4.26 -15.95 19.63
N ASP B 232 3.85 -14.70 19.83
CA ASP B 232 2.51 -14.29 19.43
C ASP B 232 2.45 -13.80 17.97
N ALA B 233 3.58 -13.87 17.26
CA ALA B 233 3.62 -13.40 15.88
C ALA B 233 4.26 -14.43 14.93
N THR B 234 4.08 -15.71 15.24
CA THR B 234 4.66 -16.77 14.44
C THR B 234 4.17 -16.88 13.01
N TYR B 235 3.07 -16.20 12.70
CA TYR B 235 2.58 -16.25 11.33
C TYR B 235 2.71 -14.86 10.70
N VAL B 236 3.32 -13.93 11.45
CA VAL B 236 3.57 -12.57 10.90
C VAL B 236 4.95 -12.60 10.22
N ASN B 237 4.97 -12.41 8.90
CA ASN B 237 6.24 -12.47 8.18
C ASN B 237 6.18 -11.60 6.94
N GLY B 238 7.17 -10.74 6.78
CA GLY B 238 7.22 -9.81 5.66
C GLY B 238 6.28 -8.62 5.83
N ALA B 239 5.85 -8.42 7.06
CA ALA B 239 4.88 -7.36 7.35
C ALA B 239 5.45 -6.06 7.93
N ALA B 240 4.69 -4.97 7.78
CA ALA B 240 5.08 -3.70 8.35
C ALA B 240 4.06 -3.43 9.43
N LEU B 241 4.49 -3.24 10.68
CA LEU B 241 3.52 -2.91 11.73
C LEU B 241 3.67 -1.42 11.98
N VAL B 242 2.69 -0.67 11.47
CA VAL B 242 2.66 0.79 11.59
C VAL B 242 2.15 1.18 12.97
N MET B 243 2.89 2.05 13.65
CA MET B 243 2.52 2.49 15.01
C MET B 243 2.70 3.99 14.95
N ASP B 244 1.66 4.68 14.51
CA ASP B 244 1.76 6.10 14.31
C ASP B 244 0.57 6.94 14.73
N GLY B 245 -0.31 6.43 15.59
CA GLY B 245 -1.47 7.23 16.00
C GLY B 245 -2.36 7.68 14.84
N ALA B 246 -2.39 6.86 13.79
CA ALA B 246 -3.15 7.05 12.57
C ALA B 246 -2.61 8.07 11.59
N TYR B 247 -1.36 8.47 11.78
CA TYR B 247 -0.69 9.44 10.90
C TYR B 247 -0.82 9.04 9.43
N THR B 248 -0.55 7.78 9.13
CA THR B 248 -0.64 7.30 7.74
C THR B 248 -2.04 6.89 7.29
N ALA B 249 -3.03 6.89 8.19
CA ALA B 249 -4.38 6.52 7.76
C ALA B 249 -5.18 7.68 7.15
N ILE B 250 -4.58 8.87 7.08
CA ILE B 250 -5.23 10.05 6.50
C ILE B 250 -4.35 10.59 5.38
N MET C 1 -11.25 4.00 -36.40
CA MET C 1 -11.94 2.95 -35.59
C MET C 1 -13.17 3.58 -34.92
N SER C 2 -13.71 2.91 -33.91
CA SER C 2 -14.88 3.40 -33.17
C SER C 2 -15.33 2.42 -32.10
N ARG C 3 -14.84 2.63 -30.88
CA ARG C 3 -15.21 1.76 -29.76
C ARG C 3 -16.58 2.15 -29.20
N VAL C 4 -17.15 1.25 -28.41
CA VAL C 4 -18.43 1.51 -27.76
C VAL C 4 -18.16 1.60 -26.26
N ALA C 5 -18.45 2.76 -25.67
CA ALA C 5 -18.21 2.91 -24.24
C ALA C 5 -19.47 3.18 -23.45
N ILE C 6 -19.60 2.50 -22.32
CA ILE C 6 -20.72 2.76 -21.43
C ILE C 6 -20.14 3.62 -20.30
N VAL C 7 -20.73 4.78 -20.06
CA VAL C 7 -20.25 5.65 -18.99
C VAL C 7 -21.41 5.94 -18.05
N THR C 8 -21.23 5.57 -16.78
CA THR C 8 -22.29 5.80 -15.79
C THR C 8 -22.11 7.17 -15.12
N GLY C 9 -23.22 7.75 -14.67
CA GLY C 9 -23.19 9.05 -14.02
C GLY C 9 -22.70 10.05 -15.06
N ALA C 10 -23.15 9.86 -16.30
CA ALA C 10 -22.71 10.68 -17.43
C ALA C 10 -23.29 12.06 -17.61
N SER C 11 -24.30 12.44 -16.83
CA SER C 11 -24.86 13.75 -17.10
C SER C 11 -24.10 14.95 -16.55
N SER C 12 -23.22 14.74 -15.57
CA SER C 12 -22.46 15.85 -15.00
C SER C 12 -21.12 15.47 -14.36
N GLY C 13 -20.31 16.49 -14.06
CA GLY C 13 -19.03 16.26 -13.42
C GLY C 13 -18.05 15.43 -14.22
N ASN C 14 -17.40 14.50 -13.52
CA ASN C 14 -16.40 13.66 -14.16
C ASN C 14 -17.03 12.82 -15.28
N GLY C 15 -18.21 12.23 -15.00
CA GLY C 15 -18.88 11.41 -16.00
C GLY C 15 -19.15 12.16 -17.28
N LEU C 16 -19.54 13.42 -17.16
CA LEU C 16 -19.79 14.21 -18.35
C LEU C 16 -18.47 14.47 -19.11
N ALA C 17 -17.38 14.72 -18.39
CA ALA C 17 -16.12 14.99 -19.09
C ALA C 17 -15.65 13.70 -19.76
N ILE C 18 -15.81 12.57 -19.09
CA ILE C 18 -15.41 11.29 -19.64
C ILE C 18 -16.25 10.96 -20.89
N ALA C 19 -17.56 11.10 -20.78
CA ALA C 19 -18.46 10.81 -21.89
C ALA C 19 -18.13 11.65 -23.11
N THR C 20 -17.98 12.95 -22.90
CA THR C 20 -17.67 13.87 -23.98
C THR C 20 -16.34 13.51 -24.65
N ARG C 21 -15.36 13.10 -23.84
CA ARG C 21 -14.05 12.73 -24.35
C ARG C 21 -14.12 11.53 -25.28
N PHE C 22 -14.92 10.53 -24.93
CA PHE C 22 -15.05 9.36 -25.77
C PHE C 22 -15.70 9.74 -27.10
N LEU C 23 -16.71 10.61 -27.00
CA LEU C 23 -17.44 11.08 -28.18
C LEU C 23 -16.53 11.92 -29.09
N ALA C 24 -15.82 12.87 -28.51
CA ALA C 24 -14.91 13.74 -29.27
C ALA C 24 -13.86 12.97 -30.03
N ARG C 25 -13.54 11.76 -29.56
CA ARG C 25 -12.54 10.94 -30.23
C ARG C 25 -13.14 9.98 -31.24
N GLY C 26 -14.44 10.10 -31.46
CA GLY C 26 -15.10 9.24 -32.42
C GLY C 26 -15.70 7.95 -31.90
N ASP C 27 -15.77 7.79 -30.59
CA ASP C 27 -16.36 6.58 -30.06
C ASP C 27 -17.84 6.76 -29.83
N ARG C 28 -18.55 5.66 -29.70
CA ARG C 28 -19.98 5.68 -29.45
C ARG C 28 -20.18 5.47 -27.95
N VAL C 29 -21.08 6.26 -27.37
CA VAL C 29 -21.31 6.19 -25.94
C VAL C 29 -22.76 5.97 -25.50
N ALA C 30 -22.92 5.12 -24.48
CA ALA C 30 -24.21 4.88 -23.88
C ALA C 30 -24.02 5.68 -22.60
N ALA C 31 -24.72 6.80 -22.49
CA ALA C 31 -24.60 7.65 -21.31
C ALA C 31 -25.74 7.29 -20.33
N LEU C 32 -25.38 6.78 -19.15
CA LEU C 32 -26.37 6.39 -18.16
C LEU C 32 -26.38 7.33 -16.95
N ASP C 33 -27.58 7.69 -16.51
CA ASP C 33 -27.73 8.53 -15.33
C ASP C 33 -29.16 8.39 -14.82
N LEU C 34 -29.44 9.04 -13.70
CA LEU C 34 -30.73 8.98 -13.01
C LEU C 34 -31.94 9.65 -13.62
N SER C 35 -31.72 10.76 -14.31
CA SER C 35 -32.80 11.52 -14.92
C SER C 35 -32.71 11.62 -16.43
N ALA C 36 -33.76 11.14 -17.11
CA ALA C 36 -33.83 11.20 -18.56
C ALA C 36 -33.90 12.66 -19.01
N GLU C 37 -34.52 13.51 -18.20
CA GLU C 37 -34.65 14.92 -18.51
C GLU C 37 -33.26 15.55 -18.50
N THR C 38 -32.49 15.26 -17.46
CA THR C 38 -31.14 15.81 -17.36
C THR C 38 -30.22 15.27 -18.46
N LEU C 39 -30.36 13.99 -18.80
CA LEU C 39 -29.55 13.42 -19.86
C LEU C 39 -29.86 14.13 -21.17
N GLU C 40 -31.14 14.42 -21.40
CA GLU C 40 -31.51 15.10 -22.64
C GLU C 40 -31.06 16.55 -22.63
N GLU C 41 -31.14 17.20 -21.47
CA GLU C 41 -30.68 18.57 -21.34
C GLU C 41 -29.17 18.59 -21.63
N THR C 42 -28.48 17.54 -21.20
CA THR C 42 -27.04 17.40 -21.41
C THR C 42 -26.75 17.09 -22.86
N ALA C 43 -27.51 16.16 -23.42
CA ALA C 43 -27.34 15.78 -24.82
C ALA C 43 -27.50 17.03 -25.69
N ARG C 44 -28.43 17.88 -25.27
CA ARG C 44 -28.77 19.13 -25.95
C ARG C 44 -27.67 20.20 -25.89
N THR C 45 -27.11 20.39 -24.70
CA THR C 45 -26.09 21.41 -24.49
C THR C 45 -24.63 21.00 -24.63
N HIS C 46 -24.30 19.73 -24.38
CA HIS C 46 -22.91 19.29 -24.46
C HIS C 46 -22.64 18.29 -25.57
N TRP C 47 -23.66 17.53 -25.98
CA TRP C 47 -23.45 16.54 -27.01
C TRP C 47 -24.23 16.83 -28.28
N HIS C 48 -24.73 18.05 -28.39
CA HIS C 48 -25.51 18.43 -29.56
C HIS C 48 -24.83 18.01 -30.86
N ALA C 49 -23.50 18.03 -30.86
CA ALA C 49 -22.73 17.67 -32.04
C ALA C 49 -22.58 16.17 -32.36
N TYR C 50 -23.03 15.28 -31.48
CA TYR C 50 -22.90 13.84 -31.73
C TYR C 50 -24.24 13.12 -31.87
N ALA C 51 -25.30 13.79 -31.43
CA ALA C 51 -26.65 13.27 -31.49
C ALA C 51 -26.81 11.75 -31.42
N ASP C 52 -26.75 11.11 -32.58
CA ASP C 52 -26.93 9.67 -32.71
C ASP C 52 -25.87 8.77 -32.06
N LYS C 53 -24.61 9.19 -32.10
CA LYS C 53 -23.54 8.36 -31.52
C LYS C 53 -23.59 8.16 -30.00
N VAL C 54 -24.44 8.92 -29.31
CA VAL C 54 -24.59 8.77 -27.87
C VAL C 54 -26.02 8.36 -27.52
N LEU C 55 -26.14 7.22 -26.85
CA LEU C 55 -27.43 6.67 -26.43
C LEU C 55 -27.67 7.08 -24.98
N ARG C 56 -28.77 7.79 -24.74
CA ARG C 56 -29.10 8.24 -23.39
C ARG C 56 -29.98 7.21 -22.72
N VAL C 57 -29.53 6.68 -21.59
CA VAL C 57 -30.30 5.66 -20.90
C VAL C 57 -30.52 6.01 -19.44
N ARG C 58 -31.77 6.15 -19.02
CA ARG C 58 -31.98 6.44 -17.63
C ARG C 58 -31.74 5.10 -16.92
N ALA C 59 -30.99 5.14 -15.84
CA ALA C 59 -30.70 3.91 -15.11
C ALA C 59 -30.09 4.22 -13.77
N ASP C 60 -30.59 3.55 -12.74
CA ASP C 60 -30.05 3.71 -11.39
C ASP C 60 -29.06 2.54 -11.34
N VAL C 61 -27.75 2.83 -11.28
CA VAL C 61 -26.77 1.75 -11.26
C VAL C 61 -27.00 0.77 -10.11
N ALA C 62 -27.62 1.22 -9.02
CA ALA C 62 -27.91 0.33 -7.88
C ALA C 62 -29.04 -0.67 -8.16
N ASP C 63 -29.70 -0.50 -9.31
CA ASP C 63 -30.81 -1.38 -9.68
C ASP C 63 -30.43 -2.43 -10.75
N GLU C 64 -30.49 -3.71 -10.41
CA GLU C 64 -30.12 -4.73 -11.39
C GLU C 64 -30.94 -4.62 -12.70
N GLY C 65 -32.26 -4.48 -12.58
CA GLY C 65 -33.08 -4.37 -13.78
C GLY C 65 -32.67 -3.21 -14.68
N ASP C 66 -32.43 -2.04 -14.09
CA ASP C 66 -32.04 -0.87 -14.91
C ASP C 66 -30.72 -1.12 -15.61
N VAL C 67 -29.76 -1.68 -14.87
CA VAL C 67 -28.45 -1.97 -15.42
C VAL C 67 -28.54 -2.99 -16.55
N ASN C 68 -29.25 -4.09 -16.34
CA ASN C 68 -29.35 -5.09 -17.39
C ASN C 68 -29.97 -4.52 -18.65
N ALA C 69 -31.06 -3.76 -18.49
CA ALA C 69 -31.75 -3.14 -19.63
C ALA C 69 -30.83 -2.14 -20.34
N ALA C 70 -30.05 -1.39 -19.58
CA ALA C 70 -29.12 -0.41 -20.17
C ALA C 70 -28.08 -1.12 -21.02
N ILE C 71 -27.61 -2.28 -20.55
CA ILE C 71 -26.63 -3.04 -21.34
C ILE C 71 -27.32 -3.66 -22.56
N ALA C 72 -28.57 -4.09 -22.39
CA ALA C 72 -29.30 -4.67 -23.53
C ALA C 72 -29.47 -3.63 -24.62
N ALA C 73 -29.80 -2.40 -24.22
CA ALA C 73 -30.01 -1.31 -25.17
C ALA C 73 -28.72 -0.87 -25.85
N THR C 74 -27.60 -0.98 -25.13
CA THR C 74 -26.33 -0.60 -25.72
C THR C 74 -25.96 -1.62 -26.80
N MET C 75 -26.12 -2.91 -26.48
CA MET C 75 -25.83 -3.97 -27.44
C MET C 75 -26.74 -3.83 -28.65
N GLU C 76 -28.01 -3.56 -28.40
CA GLU C 76 -28.98 -3.45 -29.48
C GLU C 76 -28.71 -2.25 -30.40
N GLN C 77 -28.35 -1.13 -29.81
CA GLN C 77 -28.09 0.10 -30.55
C GLN C 77 -26.74 0.10 -31.24
N PHE C 78 -25.69 -0.24 -30.50
CA PHE C 78 -24.35 -0.21 -31.04
C PHE C 78 -23.71 -1.52 -31.43
N GLY C 79 -24.20 -2.64 -30.94
CA GLY C 79 -23.64 -3.91 -31.33
C GLY C 79 -22.53 -4.52 -30.48
N ALA C 80 -21.96 -3.75 -29.58
CA ALA C 80 -20.88 -4.27 -28.74
C ALA C 80 -20.65 -3.34 -27.58
N ILE C 81 -19.80 -3.78 -26.65
CA ILE C 81 -19.42 -2.97 -25.50
C ILE C 81 -17.93 -3.23 -25.33
N ASP C 82 -17.12 -2.23 -25.63
CA ASP C 82 -15.68 -2.39 -25.54
C ASP C 82 -15.13 -1.82 -24.24
N VAL C 83 -15.78 -0.78 -23.74
CA VAL C 83 -15.32 -0.14 -22.53
C VAL C 83 -16.45 0.16 -21.56
N LEU C 84 -16.21 -0.04 -20.27
CA LEU C 84 -17.20 0.33 -19.28
C LEU C 84 -16.46 1.25 -18.28
N VAL C 85 -17.02 2.43 -18.03
CA VAL C 85 -16.44 3.36 -17.07
C VAL C 85 -17.49 3.51 -15.97
N ASN C 86 -17.21 2.89 -14.83
CA ASN C 86 -18.13 2.92 -13.68
C ASN C 86 -17.79 4.17 -12.89
N ASN C 87 -18.40 5.26 -13.28
CA ASN C 87 -18.18 6.59 -12.68
C ASN C 87 -19.20 7.04 -11.66
N ALA C 88 -20.46 6.62 -11.81
CA ALA C 88 -21.52 7.02 -10.89
C ALA C 88 -21.11 6.83 -9.44
N GLY C 89 -21.33 7.85 -8.62
CA GLY C 89 -20.97 7.73 -7.22
C GLY C 89 -21.58 8.85 -6.39
N ILE C 90 -21.84 8.57 -5.13
CA ILE C 90 -22.37 9.62 -4.25
C ILE C 90 -21.53 9.69 -2.98
N THR C 91 -21.61 10.82 -2.27
CA THR C 91 -20.84 10.99 -1.03
C THR C 91 -21.68 10.70 0.19
N GLY C 92 -22.99 10.84 0.05
CA GLY C 92 -23.88 10.68 1.20
C GLY C 92 -24.31 12.11 1.54
N ASN C 93 -25.42 12.28 2.25
CA ASN C 93 -25.86 13.63 2.58
C ASN C 93 -25.08 14.24 3.74
N SER C 94 -25.54 15.40 4.22
CA SER C 94 -24.84 16.10 5.30
C SER C 94 -24.75 15.27 6.56
N GLU C 95 -25.59 14.26 6.67
CA GLU C 95 -25.58 13.42 7.86
C GLU C 95 -24.67 12.20 7.75
N ALA C 96 -24.09 11.99 6.57
CA ALA C 96 -23.19 10.86 6.36
C ALA C 96 -21.78 11.37 6.64
N GLY C 97 -21.52 11.65 7.91
CA GLY C 97 -20.23 12.15 8.34
C GLY C 97 -19.48 11.05 9.05
N VAL C 98 -19.19 11.24 10.33
CA VAL C 98 -18.49 10.19 11.05
C VAL C 98 -19.38 8.95 11.13
N LEU C 99 -18.79 7.79 11.35
CA LEU C 99 -19.56 6.54 11.36
C LEU C 99 -20.76 6.48 12.31
N HIS C 100 -20.54 6.79 13.60
CA HIS C 100 -21.64 6.63 14.56
C HIS C 100 -22.91 7.48 14.36
N THR C 101 -22.79 8.64 13.71
CA THR C 101 -23.98 9.47 13.49
C THR C 101 -24.48 9.32 12.05
N THR C 102 -23.92 8.37 11.32
CA THR C 102 -24.36 8.15 9.94
C THR C 102 -25.67 7.36 9.96
N PRO C 103 -26.75 7.94 9.42
CA PRO C 103 -28.02 7.21 9.41
C PRO C 103 -27.78 5.92 8.63
N VAL C 104 -28.32 4.80 9.12
CA VAL C 104 -28.16 3.52 8.45
C VAL C 104 -28.63 3.60 6.98
N GLU C 105 -29.71 4.35 6.73
CA GLU C 105 -30.21 4.51 5.37
C GLU C 105 -29.16 5.13 4.44
N GLN C 106 -28.38 6.07 4.97
CA GLN C 106 -27.34 6.72 4.16
C GLN C 106 -26.18 5.77 3.89
N PHE C 107 -25.80 5.00 4.88
CA PHE C 107 -24.69 4.06 4.68
C PHE C 107 -25.12 3.06 3.58
N ASP C 108 -26.36 2.59 3.68
CA ASP C 108 -26.89 1.64 2.70
C ASP C 108 -26.97 2.23 1.30
N LYS C 109 -27.42 3.48 1.20
CA LYS C 109 -27.54 4.12 -0.09
C LYS C 109 -26.14 4.31 -0.72
N VAL C 110 -25.18 4.78 0.08
CA VAL C 110 -23.83 4.99 -0.43
C VAL C 110 -23.20 3.68 -0.93
N MET C 111 -23.38 2.60 -0.17
CA MET C 111 -22.81 1.31 -0.58
C MET C 111 -23.54 0.76 -1.80
N ALA C 112 -24.86 0.92 -1.88
CA ALA C 112 -25.61 0.42 -3.04
C ALA C 112 -25.19 1.16 -4.34
N VAL C 113 -25.07 2.48 -4.30
CA VAL C 113 -24.66 3.21 -5.49
C VAL C 113 -23.18 3.02 -5.83
N ASN C 114 -22.32 3.28 -4.86
CA ASN C 114 -20.87 3.24 -5.07
C ASN C 114 -20.28 1.85 -5.24
N VAL C 115 -20.87 0.83 -4.62
CA VAL C 115 -20.33 -0.52 -4.73
C VAL C 115 -21.20 -1.50 -5.50
N ARG C 116 -22.45 -1.69 -5.08
CA ARG C 116 -23.31 -2.61 -5.80
C ARG C 116 -23.48 -2.14 -7.24
N GLY C 117 -23.53 -0.83 -7.45
CA GLY C 117 -23.67 -0.32 -8.81
C GLY C 117 -22.54 -0.79 -9.73
N ILE C 118 -21.34 -0.84 -9.17
CA ILE C 118 -20.16 -1.26 -9.94
C ILE C 118 -20.20 -2.76 -10.16
N PHE C 119 -20.52 -3.52 -9.12
CA PHE C 119 -20.65 -4.96 -9.26
C PHE C 119 -21.66 -5.29 -10.38
N LEU C 120 -22.81 -4.63 -10.36
CA LEU C 120 -23.87 -4.90 -11.36
C LEU C 120 -23.47 -4.57 -12.80
N GLY C 121 -22.82 -3.41 -12.97
CA GLY C 121 -22.37 -2.98 -14.29
C GLY C 121 -21.34 -3.96 -14.82
N CYS C 122 -20.40 -4.34 -13.96
CA CYS C 122 -19.38 -5.30 -14.36
C CYS C 122 -20.04 -6.63 -14.66
N ARG C 123 -20.98 -7.06 -13.82
CA ARG C 123 -21.66 -8.34 -14.04
C ARG C 123 -22.41 -8.30 -15.37
N ALA C 124 -22.98 -7.15 -15.71
CA ALA C 124 -23.72 -7.04 -16.97
C ALA C 124 -22.87 -6.97 -18.23
N VAL C 125 -21.69 -6.35 -18.16
CA VAL C 125 -20.86 -6.23 -19.35
C VAL C 125 -19.88 -7.38 -19.57
N LEU C 126 -19.43 -8.03 -18.50
CA LEU C 126 -18.42 -9.07 -18.66
C LEU C 126 -18.77 -10.23 -19.61
N PRO C 127 -20.03 -10.69 -19.64
CA PRO C 127 -20.31 -11.81 -20.57
C PRO C 127 -20.01 -11.41 -22.03
N HIS C 128 -20.38 -10.20 -22.38
CA HIS C 128 -20.17 -9.66 -23.73
C HIS C 128 -18.67 -9.46 -24.02
N MET C 129 -17.95 -8.89 -23.07
CA MET C 129 -16.51 -8.66 -23.28
C MET C 129 -15.83 -10.00 -23.45
N LEU C 130 -16.19 -10.99 -22.64
CA LEU C 130 -15.58 -12.32 -22.76
C LEU C 130 -15.88 -12.92 -24.15
N LEU C 131 -17.13 -12.79 -24.60
CA LEU C 131 -17.51 -13.31 -25.91
C LEU C 131 -16.67 -12.65 -26.99
N GLN C 132 -16.30 -11.39 -26.76
CA GLN C 132 -15.47 -10.63 -27.71
C GLN C 132 -14.01 -11.00 -27.54
N GLY C 133 -13.66 -11.44 -26.35
CA GLY C 133 -12.29 -11.79 -26.06
C GLY C 133 -11.49 -10.53 -25.79
N ALA C 134 -12.19 -9.44 -25.53
CA ALA C 134 -11.54 -8.17 -25.25
C ALA C 134 -12.51 -7.21 -24.55
N GLY C 135 -11.97 -6.39 -23.65
CA GLY C 135 -12.80 -5.45 -22.92
C GLY C 135 -11.98 -4.68 -21.89
N VAL C 136 -12.37 -3.44 -21.63
CA VAL C 136 -11.64 -2.61 -20.67
C VAL C 136 -12.66 -2.00 -19.73
N ILE C 137 -12.36 -2.06 -18.43
CA ILE C 137 -13.22 -1.49 -17.41
C ILE C 137 -12.37 -0.51 -16.58
N VAL C 138 -12.90 0.70 -16.42
CA VAL C 138 -12.21 1.70 -15.60
C VAL C 138 -13.18 2.08 -14.50
N ASN C 139 -12.75 1.89 -13.25
CA ASN C 139 -13.63 2.26 -12.14
C ASN C 139 -13.15 3.54 -11.52
N ILE C 140 -14.08 4.43 -11.20
CA ILE C 140 -13.68 5.66 -10.55
C ILE C 140 -13.79 5.40 -9.05
N ALA C 141 -12.62 5.31 -8.41
CA ALA C 141 -12.54 5.07 -6.99
C ALA C 141 -12.23 6.44 -6.36
N SER C 142 -11.18 6.52 -5.54
CA SER C 142 -10.85 7.79 -4.87
C SER C 142 -9.61 7.57 -4.03
N VAL C 143 -8.98 8.65 -3.60
CA VAL C 143 -7.85 8.48 -2.70
C VAL C 143 -8.41 7.87 -1.42
N ALA C 144 -9.72 8.03 -1.21
CA ALA C 144 -10.37 7.47 -0.03
C ALA C 144 -10.37 5.94 -0.05
N SER C 145 -9.82 5.36 -1.12
CA SER C 145 -9.71 3.89 -1.23
C SER C 145 -8.43 3.50 -0.49
N LEU C 146 -7.56 4.49 -0.29
CA LEU C 146 -6.24 4.32 0.31
C LEU C 146 -6.07 4.94 1.69
N VAL C 147 -6.68 6.11 1.91
CA VAL C 147 -6.62 6.78 3.20
C VAL C 147 -8.06 7.14 3.53
N ALA C 148 -8.33 7.47 4.79
CA ALA C 148 -9.70 7.82 5.10
C ALA C 148 -9.93 9.31 4.99
N PHE C 149 -11.11 9.69 4.52
CA PHE C 149 -11.51 11.08 4.44
C PHE C 149 -12.17 11.36 5.77
N PRO C 150 -11.65 12.32 6.55
CA PRO C 150 -12.30 12.58 7.82
C PRO C 150 -13.77 13.04 7.65
N GLY C 151 -14.63 12.51 8.51
CA GLY C 151 -16.05 12.86 8.47
C GLY C 151 -16.82 12.39 7.26
N ARG C 152 -16.33 11.35 6.59
CA ARG C 152 -17.01 10.81 5.41
C ARG C 152 -16.82 9.31 5.49
N SER C 153 -17.40 8.73 6.53
CA SER C 153 -17.21 7.31 6.77
C SER C 153 -17.81 6.37 5.74
N ALA C 154 -19.07 6.56 5.37
CA ALA C 154 -19.68 5.67 4.37
C ALA C 154 -18.94 5.73 3.03
N TYR C 155 -18.63 6.95 2.62
CA TYR C 155 -17.92 7.17 1.37
C TYR C 155 -16.59 6.45 1.40
N THR C 156 -15.84 6.67 2.47
CA THR C 156 -14.53 6.04 2.57
C THR C 156 -14.65 4.51 2.50
N THR C 157 -15.57 3.95 3.27
CA THR C 157 -15.81 2.51 3.30
C THR C 157 -16.11 1.98 1.90
N SER C 158 -17.02 2.64 1.20
CA SER C 158 -17.39 2.23 -0.16
C SER C 158 -16.19 2.21 -1.13
N LYS C 159 -15.34 3.23 -1.06
CA LYS C 159 -14.21 3.32 -1.98
C LYS C 159 -13.16 2.25 -1.75
N GLY C 160 -13.08 1.72 -0.53
CA GLY C 160 -12.17 0.62 -0.26
C GLY C 160 -12.71 -0.60 -1.01
N ALA C 161 -14.03 -0.76 -1.04
CA ALA C 161 -14.61 -1.92 -1.76
C ALA C 161 -14.38 -1.75 -3.27
N VAL C 162 -14.48 -0.53 -3.79
CA VAL C 162 -14.28 -0.35 -5.22
C VAL C 162 -12.87 -0.74 -5.67
N LEU C 163 -11.86 -0.39 -4.87
CA LEU C 163 -10.49 -0.71 -5.22
C LEU C 163 -10.26 -2.23 -5.28
N GLN C 164 -10.78 -2.95 -4.31
CA GLN C 164 -10.60 -4.39 -4.28
C GLN C 164 -11.43 -5.12 -5.32
N LEU C 165 -12.61 -4.59 -5.65
CA LEU C 165 -13.42 -5.20 -6.70
C LEU C 165 -12.62 -5.06 -8.01
N THR C 166 -11.99 -3.90 -8.19
CA THR C 166 -11.15 -3.64 -9.38
C THR C 166 -10.06 -4.72 -9.46
N LYS C 167 -9.36 -4.95 -8.34
CA LYS C 167 -8.32 -5.97 -8.36
C LYS C 167 -8.86 -7.36 -8.60
N SER C 168 -10.05 -7.63 -8.07
CA SER C 168 -10.71 -8.92 -8.27
C SER C 168 -10.98 -9.19 -9.75
N VAL C 169 -11.57 -8.22 -10.44
CA VAL C 169 -11.89 -8.37 -11.87
C VAL C 169 -10.58 -8.57 -12.67
N ALA C 170 -9.56 -7.78 -12.36
CA ALA C 170 -8.26 -7.87 -13.07
C ALA C 170 -7.65 -9.24 -12.90
N VAL C 171 -7.66 -9.74 -11.66
CA VAL C 171 -7.05 -11.03 -11.41
C VAL C 171 -7.83 -12.19 -12.04
N ASP C 172 -9.16 -12.15 -11.98
CA ASP C 172 -9.96 -13.23 -12.55
C ASP C 172 -10.13 -13.17 -14.05
N TYR C 173 -10.02 -11.99 -14.65
CA TYR C 173 -10.24 -11.89 -16.08
C TYR C 173 -9.08 -11.45 -16.95
N ALA C 174 -7.94 -11.10 -16.37
CA ALA C 174 -6.83 -10.63 -17.19
C ALA C 174 -6.42 -11.71 -18.20
N GLY C 175 -6.57 -12.97 -17.81
CA GLY C 175 -6.18 -14.05 -18.68
C GLY C 175 -7.15 -14.26 -19.83
N SER C 176 -8.31 -13.62 -19.76
CA SER C 176 -9.32 -13.76 -20.78
C SER C 176 -9.42 -12.52 -21.65
N GLY C 177 -8.42 -11.65 -21.55
CA GLY C 177 -8.38 -10.46 -22.37
C GLY C 177 -9.07 -9.23 -21.87
N ILE C 178 -9.38 -9.21 -20.58
CA ILE C 178 -10.03 -8.04 -20.01
C ILE C 178 -9.03 -7.31 -19.14
N ARG C 179 -9.18 -5.98 -19.12
CA ARG C 179 -8.34 -5.12 -18.32
C ARG C 179 -9.30 -4.38 -17.38
N CYS C 180 -8.91 -4.24 -16.13
CA CYS C 180 -9.72 -3.52 -15.15
C CYS C 180 -8.78 -2.75 -14.23
N ASN C 181 -8.95 -1.44 -14.21
CA ASN C 181 -8.12 -0.56 -13.39
C ASN C 181 -9.00 0.50 -12.74
N ALA C 182 -8.42 1.23 -11.79
CA ALA C 182 -9.15 2.27 -11.11
C ALA C 182 -8.42 3.60 -11.10
N VAL C 183 -9.17 4.68 -11.26
CA VAL C 183 -8.55 5.98 -11.11
C VAL C 183 -8.92 6.33 -9.67
N CYS C 184 -7.99 6.94 -8.93
CA CYS C 184 -8.23 7.33 -7.52
C CYS C 184 -7.98 8.83 -7.45
N PRO C 185 -9.00 9.62 -7.79
CA PRO C 185 -8.78 11.06 -7.74
C PRO C 185 -8.74 11.57 -6.30
N GLY C 186 -8.03 12.68 -6.14
CA GLY C 186 -7.96 13.34 -4.85
C GLY C 186 -9.13 14.31 -4.86
N MET C 187 -8.89 15.56 -4.48
CA MET C 187 -9.95 16.57 -4.47
C MET C 187 -10.11 17.16 -5.87
N ILE C 188 -11.31 17.05 -6.43
CA ILE C 188 -11.61 17.56 -7.76
C ILE C 188 -12.79 18.49 -7.63
N GLU C 189 -12.84 19.53 -8.46
CA GLU C 189 -13.96 20.45 -8.41
C GLU C 189 -15.07 19.89 -9.30
N THR C 190 -16.18 19.51 -8.68
CA THR C 190 -17.34 18.98 -9.40
C THR C 190 -18.57 19.43 -8.62
N PRO C 191 -19.77 19.15 -9.15
CA PRO C 191 -21.01 19.54 -8.46
C PRO C 191 -21.15 18.83 -7.11
N MET C 192 -20.53 17.65 -7.01
CA MET C 192 -20.56 16.85 -5.79
C MET C 192 -19.69 17.46 -4.69
N THR C 193 -18.81 18.39 -5.05
CA THR C 193 -17.90 18.97 -4.09
C THR C 193 -17.83 20.50 -4.00
N GLN C 194 -18.37 21.19 -4.99
CA GLN C 194 -18.33 22.66 -4.99
C GLN C 194 -18.85 23.31 -3.70
N TRP C 195 -19.75 22.63 -3.00
CA TRP C 195 -20.30 23.18 -1.75
C TRP C 195 -19.15 23.54 -0.81
N ARG C 196 -18.24 22.59 -0.62
CA ARG C 196 -17.09 22.74 0.25
C ARG C 196 -16.05 23.66 -0.41
N LEU C 197 -15.63 23.29 -1.61
CA LEU C 197 -14.64 24.05 -2.35
C LEU C 197 -14.95 25.53 -2.48
N ASP C 198 -16.22 25.86 -2.68
CA ASP C 198 -16.62 27.26 -2.83
C ASP C 198 -16.29 28.12 -1.62
N GLN C 199 -16.66 27.64 -0.44
CA GLN C 199 -16.42 28.37 0.80
C GLN C 199 -14.92 28.54 1.07
N PRO C 200 -14.40 29.78 0.92
CA PRO C 200 -12.99 30.13 1.13
C PRO C 200 -12.31 29.41 2.30
N GLU C 201 -12.99 29.31 3.42
CA GLU C 201 -12.44 28.63 4.60
C GLU C 201 -12.10 27.18 4.28
N LEU C 202 -13.05 26.47 3.68
CA LEU C 202 -12.86 25.07 3.34
C LEU C 202 -11.81 24.81 2.27
N ARG C 203 -11.86 25.58 1.18
CA ARG C 203 -10.91 25.42 0.10
C ARG C 203 -9.48 25.51 0.60
N ASP C 204 -9.21 26.54 1.41
CA ASP C 204 -7.89 26.77 1.97
C ASP C 204 -7.48 25.56 2.80
N GLN C 205 -8.38 25.11 3.66
CA GLN C 205 -8.14 23.95 4.51
C GLN C 205 -7.74 22.75 3.66
N VAL C 206 -8.47 22.54 2.57
CA VAL C 206 -8.21 21.43 1.65
C VAL C 206 -6.84 21.60 0.95
N LEU C 207 -6.63 22.79 0.41
CA LEU C 207 -5.38 23.09 -0.29
C LEU C 207 -4.17 22.90 0.61
N ALA C 208 -4.35 23.11 1.90
CA ALA C 208 -3.25 22.94 2.85
C ALA C 208 -2.81 21.49 2.97
N ARG C 209 -3.67 20.54 2.60
CA ARG C 209 -3.29 19.14 2.69
C ARG C 209 -2.84 18.61 1.32
N ILE C 210 -2.79 19.49 0.33
CA ILE C 210 -2.38 19.07 -1.02
C ILE C 210 -1.05 19.71 -1.33
N PRO C 211 0.02 18.91 -1.43
CA PRO C 211 1.36 19.43 -1.72
C PRO C 211 1.42 20.29 -3.00
N GLN C 212 0.68 19.91 -4.01
CA GLN C 212 0.69 20.65 -5.26
C GLN C 212 -0.09 21.97 -5.16
N LYS C 213 -0.81 22.14 -4.06
CA LYS C 213 -1.57 23.37 -3.81
C LYS C 213 -2.54 23.78 -4.92
N GLU C 214 -3.25 22.80 -5.46
CA GLU C 214 -4.27 23.06 -6.46
C GLU C 214 -5.29 21.96 -6.38
N ILE C 215 -6.49 22.27 -6.86
CA ILE C 215 -7.61 21.34 -6.88
C ILE C 215 -7.69 20.74 -8.26
N GLY C 216 -8.02 19.45 -8.35
CA GLY C 216 -8.11 18.79 -9.62
C GLY C 216 -9.38 19.12 -10.38
N THR C 217 -9.42 18.74 -11.65
CA THR C 217 -10.58 19.03 -12.50
C THR C 217 -11.12 17.78 -13.16
N ALA C 218 -12.38 17.85 -13.61
CA ALA C 218 -12.99 16.74 -14.29
C ALA C 218 -12.21 16.40 -15.55
N ALA C 219 -11.62 17.41 -16.21
CA ALA C 219 -10.85 17.15 -17.42
C ALA C 219 -9.64 16.26 -17.12
N GLN C 220 -9.01 16.48 -15.98
CA GLN C 220 -7.84 15.67 -15.58
C GLN C 220 -8.28 14.24 -15.25
N VAL C 221 -9.47 14.08 -14.66
CA VAL C 221 -9.96 12.73 -14.38
C VAL C 221 -10.19 12.05 -15.74
N ALA C 222 -10.80 12.76 -16.69
CA ALA C 222 -11.04 12.14 -17.99
C ALA C 222 -9.70 11.75 -18.67
N ASP C 223 -8.67 12.57 -18.47
CA ASP C 223 -7.34 12.28 -19.03
C ASP C 223 -6.83 10.92 -18.53
N ALA C 224 -7.00 10.68 -17.24
CA ALA C 224 -6.55 9.43 -16.62
C ALA C 224 -7.41 8.26 -17.14
N VAL C 225 -8.71 8.47 -17.24
CA VAL C 225 -9.59 7.42 -17.72
C VAL C 225 -9.20 7.06 -19.16
N MET C 226 -8.98 8.07 -20.02
CA MET C 226 -8.65 7.73 -21.41
C MET C 226 -7.36 6.91 -21.47
N PHE C 227 -6.37 7.26 -20.66
CA PHE C 227 -5.12 6.52 -20.63
C PHE C 227 -5.39 5.07 -20.24
N LEU C 228 -6.12 4.86 -19.14
CA LEU C 228 -6.40 3.49 -18.68
C LEU C 228 -7.28 2.70 -19.65
N ALA C 229 -8.08 3.42 -20.43
CA ALA C 229 -8.98 2.77 -21.36
C ALA C 229 -8.39 2.42 -22.72
N GLY C 230 -7.28 3.07 -23.08
CA GLY C 230 -6.69 2.87 -24.40
C GLY C 230 -5.45 2.01 -24.63
N GLU C 231 -4.89 2.18 -25.83
CA GLU C 231 -3.75 1.39 -26.28
C GLU C 231 -2.42 1.64 -25.56
N ASP C 232 -2.34 2.68 -24.76
CA ASP C 232 -1.09 2.93 -24.07
C ASP C 232 -1.02 2.29 -22.69
N ALA C 233 -2.05 1.54 -22.34
CA ALA C 233 -2.07 0.88 -21.05
C ALA C 233 -2.42 -0.59 -21.18
N THR C 234 -1.97 -1.22 -22.27
CA THR C 234 -2.26 -2.63 -22.49
C THR C 234 -1.66 -3.57 -21.44
N TYR C 235 -0.62 -3.13 -20.72
CA TYR C 235 -0.05 -4.01 -19.68
C TYR C 235 -0.38 -3.49 -18.26
N VAL C 236 -1.28 -2.50 -18.17
CA VAL C 236 -1.70 -1.97 -16.89
C VAL C 236 -2.99 -2.73 -16.53
N ASN C 237 -2.96 -3.49 -15.45
CA ASN C 237 -4.14 -4.28 -15.03
C ASN C 237 -4.14 -4.46 -13.52
N GLY C 238 -5.30 -4.26 -12.89
CA GLY C 238 -5.43 -4.38 -11.45
C GLY C 238 -4.77 -3.24 -10.72
N ALA C 239 -4.51 -2.15 -11.45
CA ALA C 239 -3.82 -1.01 -10.86
C ALA C 239 -4.72 0.14 -10.42
N ALA C 240 -4.22 0.91 -9.45
CA ALA C 240 -4.94 2.09 -9.01
C ALA C 240 -4.03 3.28 -9.43
N LEU C 241 -4.54 4.13 -10.31
CA LEU C 241 -3.78 5.30 -10.78
C LEU C 241 -4.23 6.48 -9.89
N VAL C 242 -3.34 6.93 -9.00
CA VAL C 242 -3.67 8.01 -8.09
C VAL C 242 -3.40 9.35 -8.74
N MET C 243 -4.39 10.24 -8.72
CA MET C 243 -4.27 11.57 -9.33
C MET C 243 -4.76 12.52 -8.24
N ASP C 244 -3.85 12.97 -7.38
CA ASP C 244 -4.23 13.79 -6.22
C ASP C 244 -3.27 14.90 -5.81
N GLY C 245 -2.41 15.33 -6.73
CA GLY C 245 -1.48 16.41 -6.39
C GLY C 245 -0.61 16.10 -5.19
N ALA C 246 -0.30 14.81 -5.00
CA ALA C 246 0.55 14.31 -3.91
C ALA C 246 -0.13 14.22 -2.54
N TYR C 247 -1.44 14.41 -2.50
CA TYR C 247 -2.21 14.33 -1.26
C TYR C 247 -1.91 13.05 -0.45
N THR C 248 -1.86 11.88 -1.12
CA THR C 248 -1.55 10.62 -0.40
C THR C 248 -0.05 10.33 -0.23
N ALA C 249 0.81 11.18 -0.77
CA ALA C 249 2.27 10.95 -0.71
C ALA C 249 2.86 11.42 0.61
N ILE C 250 2.09 12.15 1.41
CA ILE C 250 2.54 12.66 2.72
C ILE C 250 1.61 12.02 3.77
N MET D 1 -7.67 -6.05 36.48
CA MET D 1 -8.71 -5.39 35.65
C MET D 1 -9.49 -6.39 34.79
N SER D 2 -10.80 -6.19 34.69
CA SER D 2 -11.63 -7.08 33.88
C SER D 2 -12.34 -6.27 32.81
N ARG D 3 -11.88 -6.41 31.57
CA ARG D 3 -12.47 -5.67 30.45
C ARG D 3 -13.68 -6.41 29.91
N VAL D 4 -14.56 -5.68 29.24
CA VAL D 4 -15.73 -6.30 28.64
C VAL D 4 -15.52 -6.26 27.12
N ALA D 5 -15.48 -7.43 26.48
CA ALA D 5 -15.28 -7.50 25.04
C ALA D 5 -16.47 -8.14 24.35
N ILE D 6 -16.95 -7.50 23.27
CA ILE D 6 -18.02 -8.08 22.46
C ILE D 6 -17.29 -8.76 21.29
N VAL D 7 -17.57 -10.03 21.06
CA VAL D 7 -16.93 -10.74 19.97
C VAL D 7 -17.99 -11.35 19.07
N THR D 8 -17.97 -10.95 17.80
CA THR D 8 -18.96 -11.49 16.84
C THR D 8 -18.46 -12.74 16.13
N GLY D 9 -19.39 -13.59 15.71
CA GLY D 9 -19.03 -14.84 15.05
C GLY D 9 -18.26 -15.67 16.06
N ALA D 10 -18.67 -15.61 17.32
CA ALA D 10 -17.98 -16.29 18.41
C ALA D 10 -18.10 -17.80 18.58
N SER D 11 -19.00 -18.46 17.86
CA SER D 11 -19.16 -19.90 18.09
C SER D 11 -18.26 -20.82 17.27
N SER D 12 -17.34 -20.25 16.48
CA SER D 12 -16.41 -21.11 15.73
C SER D 12 -15.23 -20.36 15.13
N GLY D 13 -14.19 -21.12 14.75
CA GLY D 13 -13.01 -20.52 14.12
C GLY D 13 -12.30 -19.43 14.88
N ASN D 14 -11.95 -18.38 14.17
CA ASN D 14 -11.24 -17.24 14.76
C ASN D 14 -11.99 -16.65 15.95
N GLY D 15 -13.30 -16.46 15.77
CA GLY D 15 -14.13 -15.88 16.83
C GLY D 15 -14.12 -16.74 18.08
N LEU D 16 -14.17 -18.04 17.91
CA LEU D 16 -14.17 -18.90 19.07
C LEU D 16 -12.81 -18.75 19.78
N ALA D 17 -11.71 -18.79 19.03
CA ALA D 17 -10.38 -18.65 19.63
C ALA D 17 -10.23 -17.31 20.35
N ILE D 18 -10.74 -16.24 19.74
CA ILE D 18 -10.67 -14.90 20.31
C ILE D 18 -11.47 -14.78 21.62
N ALA D 19 -12.72 -15.23 21.61
CA ALA D 19 -13.57 -15.16 22.80
C ALA D 19 -12.92 -15.95 23.92
N THR D 20 -12.47 -17.14 23.57
CA THR D 20 -11.81 -18.01 24.55
C THR D 20 -10.61 -17.34 25.20
N ARG D 21 -9.79 -16.69 24.39
CA ARG D 21 -8.61 -16.01 24.89
C ARG D 21 -8.99 -14.85 25.82
N PHE D 22 -10.04 -14.08 25.51
CA PHE D 22 -10.43 -12.99 26.42
C PHE D 22 -10.85 -13.59 27.77
N LEU D 23 -11.63 -14.67 27.73
CA LEU D 23 -12.11 -15.34 28.93
C LEU D 23 -10.96 -15.86 29.79
N ALA D 24 -9.98 -16.50 29.14
CA ALA D 24 -8.82 -17.05 29.83
C ALA D 24 -8.03 -15.93 30.52
N ARG D 25 -8.11 -14.73 29.96
CA ARG D 25 -7.39 -13.59 30.49
C ARG D 25 -8.14 -12.92 31.65
N GLY D 26 -9.39 -13.33 31.89
CA GLY D 26 -10.15 -12.75 32.98
C GLY D 26 -11.21 -11.75 32.57
N ASP D 27 -11.29 -11.44 31.28
CA ASP D 27 -12.28 -10.47 30.84
C ASP D 27 -13.64 -11.10 30.71
N ARG D 28 -14.66 -10.26 30.58
CA ARG D 28 -16.02 -10.73 30.38
C ARG D 28 -16.30 -10.59 28.88
N VAL D 29 -17.03 -11.55 28.33
CA VAL D 29 -17.30 -11.56 26.91
C VAL D 29 -18.77 -11.72 26.55
N ALA D 30 -19.19 -10.94 25.56
CA ALA D 30 -20.54 -11.07 25.02
C ALA D 30 -20.23 -11.76 23.70
N ALA D 31 -20.58 -13.04 23.61
CA ALA D 31 -20.32 -13.85 22.44
C ALA D 31 -21.56 -13.85 21.53
N LEU D 32 -21.43 -13.26 20.35
CA LEU D 32 -22.56 -13.16 19.42
C LEU D 32 -22.41 -14.06 18.21
N ASP D 33 -23.48 -14.73 17.84
CA ASP D 33 -23.44 -15.55 16.64
C ASP D 33 -24.87 -15.83 16.22
N LEU D 34 -25.02 -16.56 15.12
CA LEU D 34 -26.34 -16.83 14.55
C LEU D 34 -27.27 -17.80 15.22
N SER D 35 -26.72 -18.75 15.97
CA SER D 35 -27.55 -19.77 16.60
C SER D 35 -27.35 -19.85 18.10
N ALA D 36 -28.44 -19.65 18.86
CA ALA D 36 -28.39 -19.70 20.31
C ALA D 36 -28.05 -21.11 20.73
N GLU D 37 -28.53 -22.08 19.95
CA GLU D 37 -28.29 -23.48 20.27
C GLU D 37 -26.81 -23.78 20.15
N THR D 38 -26.20 -23.34 19.05
CA THR D 38 -24.78 -23.56 18.82
C THR D 38 -23.95 -22.84 19.88
N LEU D 39 -24.36 -21.63 20.22
CA LEU D 39 -23.64 -20.88 21.23
C LEU D 39 -23.66 -21.60 22.58
N GLU D 40 -24.80 -22.18 22.93
CA GLU D 40 -24.89 -22.89 24.20
C GLU D 40 -24.01 -24.12 24.19
N GLU D 41 -23.98 -24.83 23.06
CA GLU D 41 -23.13 -25.99 22.95
C GLU D 41 -21.65 -25.54 23.01
N THR D 42 -21.34 -24.40 22.39
CA THR D 42 -19.96 -23.89 22.43
C THR D 42 -19.61 -23.54 23.88
N ALA D 43 -20.58 -22.94 24.58
CA ALA D 43 -20.37 -22.54 25.97
C ALA D 43 -20.13 -23.73 26.86
N ARG D 44 -20.86 -24.82 26.62
CA ARG D 44 -20.72 -26.03 27.44
C ARG D 44 -19.39 -26.74 27.22
N THR D 45 -18.89 -26.70 25.99
CA THR D 45 -17.68 -27.41 25.65
C THR D 45 -16.37 -26.62 25.60
N HIS D 46 -16.45 -25.30 25.58
CA HIS D 46 -15.23 -24.50 25.52
C HIS D 46 -15.20 -23.44 26.61
N TRP D 47 -16.36 -23.02 27.08
CA TRP D 47 -16.41 -21.96 28.09
C TRP D 47 -16.96 -22.35 29.44
N HIS D 48 -17.00 -23.65 29.70
CA HIS D 48 -17.52 -24.18 30.96
C HIS D 48 -17.04 -23.45 32.22
N ALA D 49 -15.72 -23.41 32.40
CA ALA D 49 -15.11 -22.77 33.56
C ALA D 49 -15.56 -21.33 33.77
N TYR D 50 -15.79 -20.61 32.68
CA TYR D 50 -16.15 -19.20 32.78
C TYR D 50 -17.61 -18.92 33.09
N ALA D 51 -18.47 -19.89 32.81
CA ALA D 51 -19.88 -19.75 33.11
C ALA D 51 -20.53 -18.41 32.80
N ASP D 52 -20.75 -17.62 33.84
CA ASP D 52 -21.42 -16.32 33.74
C ASP D 52 -20.60 -15.18 33.16
N LYS D 53 -19.29 -15.38 33.02
CA LYS D 53 -18.45 -14.34 32.47
C LYS D 53 -18.63 -14.19 30.96
N VAL D 54 -19.45 -15.06 30.36
CA VAL D 54 -19.73 -14.99 28.94
C VAL D 54 -21.24 -14.95 28.72
N LEU D 55 -21.69 -13.86 28.12
CA LEU D 55 -23.10 -13.65 27.81
C LEU D 55 -23.28 -14.13 26.37
N ARG D 56 -24.11 -15.17 26.17
CA ARG D 56 -24.32 -15.68 24.82
C ARG D 56 -25.50 -14.98 24.20
N VAL D 57 -25.26 -14.27 23.11
CA VAL D 57 -26.31 -13.53 22.47
C VAL D 57 -26.51 -13.91 21.01
N ARG D 58 -27.75 -14.25 20.67
CA ARG D 58 -28.07 -14.59 19.30
C ARG D 58 -28.20 -13.27 18.54
N ALA D 59 -27.47 -13.16 17.44
CA ALA D 59 -27.54 -11.92 16.65
C ALA D 59 -26.97 -12.11 15.26
N ASP D 60 -27.71 -11.61 14.27
CA ASP D 60 -27.26 -11.62 12.88
C ASP D 60 -26.64 -10.23 12.80
N VAL D 61 -25.30 -10.12 12.63
CA VAL D 61 -24.68 -8.81 12.59
C VAL D 61 -25.20 -7.87 11.52
N ALA D 62 -25.79 -8.44 10.46
CA ALA D 62 -26.31 -7.64 9.36
C ALA D 62 -27.64 -6.99 9.73
N ASP D 63 -28.22 -7.39 10.86
CA ASP D 63 -29.50 -6.83 11.27
C ASP D 63 -29.37 -5.76 12.36
N GLU D 64 -29.76 -4.54 12.04
CA GLU D 64 -29.63 -3.44 12.99
C GLU D 64 -30.31 -3.72 14.33
N GLY D 65 -31.53 -4.27 14.30
CA GLY D 65 -32.22 -4.61 15.53
C GLY D 65 -31.45 -5.58 16.41
N ASP D 66 -30.97 -6.68 15.82
CA ASP D 66 -30.20 -7.67 16.60
C ASP D 66 -28.95 -7.06 17.24
N VAL D 67 -28.20 -6.31 16.44
CA VAL D 67 -26.99 -5.67 16.91
C VAL D 67 -27.29 -4.71 18.06
N ASN D 68 -28.29 -3.84 17.87
CA ASN D 68 -28.63 -2.90 18.92
C ASN D 68 -29.05 -3.62 20.20
N ALA D 69 -29.84 -4.69 20.06
CA ALA D 69 -30.28 -5.46 21.24
C ALA D 69 -29.09 -6.13 21.90
N ALA D 70 -28.17 -6.65 21.08
CA ALA D 70 -26.99 -7.32 21.65
C ALA D 70 -26.12 -6.32 22.43
N ILE D 71 -25.97 -5.10 21.92
CA ILE D 71 -25.16 -4.12 22.67
C ILE D 71 -25.90 -3.71 23.96
N ALA D 72 -27.22 -3.58 23.90
CA ALA D 72 -27.98 -3.21 25.09
C ALA D 72 -27.88 -4.32 26.13
N ALA D 73 -27.98 -5.57 25.70
CA ALA D 73 -27.86 -6.70 26.62
C ALA D 73 -26.46 -6.75 27.26
N THR D 74 -25.45 -6.36 26.50
CA THR D 74 -24.08 -6.35 27.01
C THR D 74 -23.93 -5.31 28.11
N MET D 75 -24.43 -4.10 27.85
CA MET D 75 -24.39 -3.02 28.84
C MET D 75 -25.16 -3.40 30.10
N GLU D 76 -26.34 -3.97 29.92
CA GLU D 76 -27.16 -4.37 31.06
C GLU D 76 -26.45 -5.37 31.96
N GLN D 77 -25.93 -6.41 31.35
CA GLN D 77 -25.26 -7.48 32.06
C GLN D 77 -23.91 -7.09 32.64
N PHE D 78 -23.08 -6.43 31.83
CA PHE D 78 -21.75 -6.06 32.26
C PHE D 78 -21.48 -4.61 32.61
N GLY D 79 -22.36 -3.70 32.21
CA GLY D 79 -22.17 -2.29 32.55
C GLY D 79 -21.22 -1.44 31.72
N ALA D 80 -20.56 -2.04 30.72
CA ALA D 80 -19.65 -1.27 29.89
C ALA D 80 -19.20 -2.08 28.70
N ILE D 81 -18.59 -1.42 27.73
CA ILE D 81 -18.07 -2.11 26.56
C ILE D 81 -16.69 -1.52 26.30
N ASP D 82 -15.66 -2.30 26.57
CA ASP D 82 -14.29 -1.83 26.39
C ASP D 82 -13.69 -2.20 25.05
N VAL D 83 -14.04 -3.38 24.57
CA VAL D 83 -13.48 -3.86 23.30
C VAL D 83 -14.55 -4.46 22.42
N LEU D 84 -14.47 -4.16 21.12
CA LEU D 84 -15.39 -4.77 20.17
C LEU D 84 -14.54 -5.48 19.11
N VAL D 85 -14.75 -6.78 18.93
CA VAL D 85 -14.05 -7.50 17.89
C VAL D 85 -15.05 -7.92 16.83
N ASN D 86 -15.03 -7.21 15.69
CA ASN D 86 -15.93 -7.52 14.57
C ASN D 86 -15.26 -8.63 13.78
N ASN D 87 -15.58 -9.86 14.16
CA ASN D 87 -14.98 -11.03 13.54
C ASN D 87 -15.89 -11.77 12.56
N ALA D 88 -17.20 -11.80 12.82
CA ALA D 88 -18.13 -12.52 11.94
C ALA D 88 -17.92 -12.20 10.45
N GLY D 89 -17.93 -13.23 9.61
CA GLY D 89 -17.76 -13.01 8.19
C GLY D 89 -18.06 -14.28 7.42
N ILE D 90 -18.36 -14.14 6.13
CA ILE D 90 -18.66 -15.31 5.29
C ILE D 90 -17.95 -15.14 3.97
N THR D 91 -17.76 -16.23 3.26
CA THR D 91 -17.07 -16.16 1.96
C THR D 91 -18.06 -16.11 0.81
N GLY D 92 -19.27 -16.60 1.08
CA GLY D 92 -20.28 -16.68 0.03
C GLY D 92 -20.24 -18.15 -0.37
N ASN D 93 -21.29 -18.64 -1.03
CA ASN D 93 -21.28 -20.05 -1.40
C ASN D 93 -20.38 -20.37 -2.58
N SER D 94 -20.42 -21.64 -3.01
CA SER D 94 -19.61 -22.11 -4.12
C SER D 94 -19.85 -21.31 -5.39
N GLU D 95 -20.96 -20.58 -5.43
CA GLU D 95 -21.30 -19.77 -6.60
C GLU D 95 -20.78 -18.34 -6.53
N ALA D 96 -20.34 -17.92 -5.35
CA ALA D 96 -19.80 -16.57 -5.18
C ALA D 96 -18.33 -16.70 -5.54
N GLY D 97 -18.07 -16.89 -6.83
CA GLY D 97 -16.69 -17.03 -7.28
C GLY D 97 -16.27 -15.79 -8.03
N VAL D 98 -15.97 -15.93 -9.32
CA VAL D 98 -15.59 -14.77 -10.12
C VAL D 98 -16.80 -13.86 -10.14
N LEU D 99 -16.59 -12.57 -10.38
CA LEU D 99 -17.69 -11.62 -10.36
C LEU D 99 -18.94 -11.91 -11.21
N HIS D 100 -18.77 -12.05 -12.53
CA HIS D 100 -19.90 -12.24 -13.41
C HIS D 100 -20.82 -13.42 -13.18
N THR D 101 -20.34 -14.46 -12.52
CA THR D 101 -21.19 -15.60 -12.24
C THR D 101 -21.64 -15.66 -10.79
N THR D 102 -21.33 -14.65 -10.00
CA THR D 102 -21.83 -14.71 -8.63
C THR D 102 -23.24 -14.10 -8.61
N PRO D 103 -24.17 -14.83 -7.98
CA PRO D 103 -25.56 -14.40 -7.87
C PRO D 103 -25.64 -13.08 -7.13
N VAL D 104 -26.51 -12.18 -7.59
CA VAL D 104 -26.65 -10.90 -6.92
C VAL D 104 -26.96 -11.13 -5.43
N GLU D 105 -27.78 -12.13 -5.14
CA GLU D 105 -28.14 -12.45 -3.76
C GLU D 105 -26.89 -12.74 -2.91
N GLN D 106 -25.93 -13.47 -3.47
CA GLN D 106 -24.70 -13.78 -2.74
C GLN D 106 -23.83 -12.54 -2.52
N PHE D 107 -23.72 -11.67 -3.53
CA PHE D 107 -22.93 -10.47 -3.37
C PHE D 107 -23.54 -9.63 -2.26
N ASP D 108 -24.86 -9.49 -2.29
CA ASP D 108 -25.56 -8.70 -1.27
C ASP D 108 -25.39 -9.29 0.12
N LYS D 109 -25.43 -10.61 0.22
CA LYS D 109 -25.33 -11.27 1.52
C LYS D 109 -23.92 -11.11 2.09
N VAL D 110 -22.91 -11.34 1.27
CA VAL D 110 -21.50 -11.19 1.68
C VAL D 110 -21.23 -9.73 2.14
N MET D 111 -21.74 -8.75 1.39
CA MET D 111 -21.54 -7.35 1.76
C MET D 111 -22.29 -7.02 3.05
N ALA D 112 -23.52 -7.51 3.19
CA ALA D 112 -24.32 -7.23 4.41
C ALA D 112 -23.65 -7.79 5.66
N VAL D 113 -23.16 -9.02 5.61
CA VAL D 113 -22.52 -9.57 6.80
C VAL D 113 -21.13 -8.98 7.03
N ASN D 114 -20.29 -9.02 6.00
CA ASN D 114 -18.92 -8.58 6.13
C ASN D 114 -18.71 -7.09 6.25
N VAL D 115 -19.61 -6.28 5.68
CA VAL D 115 -19.43 -4.84 5.78
C VAL D 115 -20.49 -4.14 6.63
N ARG D 116 -21.77 -4.28 6.26
CA ARG D 116 -22.81 -3.61 7.04
C ARG D 116 -22.77 -4.07 8.51
N GLY D 117 -22.49 -5.36 8.72
CA GLY D 117 -22.40 -5.87 10.08
C GLY D 117 -21.34 -5.14 10.89
N ILE D 118 -20.23 -4.81 10.26
CA ILE D 118 -19.18 -4.11 10.98
C ILE D 118 -19.61 -2.67 11.26
N PHE D 119 -20.20 -2.03 10.24
CA PHE D 119 -20.70 -0.68 10.39
C PHE D 119 -21.71 -0.62 11.55
N LEU D 120 -22.64 -1.57 11.60
CA LEU D 120 -23.65 -1.58 12.67
C LEU D 120 -23.03 -1.81 14.05
N GLY D 121 -22.09 -2.73 14.13
CA GLY D 121 -21.44 -3.00 15.40
C GLY D 121 -20.74 -1.78 15.94
N CYS D 122 -19.97 -1.14 15.07
CA CYS D 122 -19.24 0.08 15.44
C CYS D 122 -20.21 1.17 15.81
N ARG D 123 -21.28 1.34 15.02
CA ARG D 123 -22.26 2.39 15.26
C ARG D 123 -22.91 2.22 16.63
N ALA D 124 -23.17 0.98 17.01
CA ALA D 124 -23.81 0.72 18.30
C ALA D 124 -22.87 0.85 19.50
N VAL D 125 -21.59 0.51 19.37
CA VAL D 125 -20.69 0.62 20.52
C VAL D 125 -20.00 1.98 20.68
N LEU D 126 -19.83 2.71 19.59
CA LEU D 126 -19.13 3.99 19.67
C LEU D 126 -19.70 4.98 20.69
N PRO D 127 -21.03 5.18 20.72
CA PRO D 127 -21.54 6.14 21.70
C PRO D 127 -21.11 5.78 23.14
N HIS D 128 -21.11 4.49 23.48
CA HIS D 128 -20.69 4.07 24.82
C HIS D 128 -19.17 4.30 25.03
N MET D 129 -18.35 3.94 24.06
CA MET D 129 -16.92 4.16 24.23
C MET D 129 -16.63 5.64 24.32
N LEU D 130 -17.35 6.45 23.54
CA LEU D 130 -17.11 7.88 23.59
C LEU D 130 -17.40 8.42 24.99
N LEU D 131 -18.49 7.95 25.62
CA LEU D 131 -18.84 8.39 26.97
C LEU D 131 -17.79 7.90 27.97
N GLN D 132 -17.28 6.69 27.74
CA GLN D 132 -16.24 6.11 28.61
C GLN D 132 -14.93 6.87 28.38
N GLY D 133 -14.83 7.49 27.20
CA GLY D 133 -13.62 8.20 26.84
C GLY D 133 -12.51 7.23 26.50
N ALA D 134 -12.88 5.99 26.20
CA ALA D 134 -11.92 4.94 25.86
C ALA D 134 -12.63 3.76 25.24
N GLY D 135 -11.98 3.14 24.26
CA GLY D 135 -12.57 1.98 23.62
C GLY D 135 -11.63 1.47 22.54
N VAL D 136 -11.65 0.16 22.31
CA VAL D 136 -10.80 -0.44 21.30
C VAL D 136 -11.66 -1.31 20.36
N ILE D 137 -11.42 -1.17 19.06
CA ILE D 137 -12.15 -1.94 18.09
C ILE D 137 -11.13 -2.67 17.21
N VAL D 138 -11.33 -3.97 17.03
CA VAL D 138 -10.44 -4.75 16.17
C VAL D 138 -11.32 -5.39 15.11
N ASN D 139 -11.06 -5.08 13.86
CA ASN D 139 -11.84 -5.67 12.77
C ASN D 139 -11.06 -6.81 12.14
N ILE D 140 -11.72 -7.93 11.86
CA ILE D 140 -11.02 -9.01 11.19
C ILE D 140 -11.24 -8.84 9.70
N ALA D 141 -10.21 -8.34 9.02
CA ALA D 141 -10.26 -8.11 7.59
C ALA D 141 -9.70 -9.35 6.90
N SER D 142 -8.73 -9.12 6.01
CA SER D 142 -8.10 -10.21 5.27
C SER D 142 -7.00 -9.67 4.38
N VAL D 143 -6.09 -10.53 3.94
CA VAL D 143 -5.10 -10.02 3.01
C VAL D 143 -5.88 -9.65 1.76
N ALA D 144 -7.11 -10.17 1.64
CA ALA D 144 -8.00 -9.85 0.52
C ALA D 144 -8.38 -8.37 0.53
N SER D 145 -8.01 -7.67 1.61
CA SER D 145 -8.23 -6.23 1.71
C SER D 145 -7.18 -5.49 0.88
N LEU D 146 -6.06 -6.17 0.62
CA LEU D 146 -4.90 -5.59 -0.06
C LEU D 146 -4.62 -6.16 -1.45
N VAL D 147 -4.89 -7.46 -1.63
CA VAL D 147 -4.72 -8.14 -2.91
C VAL D 147 -5.99 -8.89 -3.14
N ALA D 148 -6.21 -9.35 -4.38
CA ALA D 148 -7.43 -10.08 -4.63
C ALA D 148 -7.25 -11.57 -4.53
N PHE D 149 -8.23 -12.24 -3.94
CA PHE D 149 -8.22 -13.70 -3.86
C PHE D 149 -8.89 -14.14 -5.15
N PRO D 150 -8.20 -14.93 -5.97
CA PRO D 150 -8.75 -15.41 -7.25
C PRO D 150 -10.05 -16.18 -7.01
N GLY D 151 -11.06 -15.92 -7.84
CA GLY D 151 -12.32 -16.61 -7.70
C GLY D 151 -13.15 -16.37 -6.45
N ARG D 152 -12.94 -15.24 -5.77
CA ARG D 152 -13.71 -14.90 -4.57
C ARG D 152 -13.96 -13.40 -4.62
N SER D 153 -14.71 -12.99 -5.63
CA SER D 153 -14.92 -11.56 -5.85
C SER D 153 -15.69 -10.79 -4.78
N ALA D 154 -16.83 -11.33 -4.34
CA ALA D 154 -17.64 -10.66 -3.34
C ALA D 154 -16.85 -10.51 -2.05
N TYR D 155 -16.21 -11.60 -1.64
CA TYR D 155 -15.40 -11.60 -0.44
C TYR D 155 -14.29 -10.55 -0.53
N THR D 156 -13.51 -10.61 -1.61
CA THR D 156 -12.43 -9.65 -1.82
C THR D 156 -12.98 -8.22 -1.75
N THR D 157 -14.07 -7.97 -2.46
CA THR D 157 -14.69 -6.64 -2.46
C THR D 157 -15.04 -6.19 -1.03
N SER D 158 -15.71 -7.06 -0.28
CA SER D 158 -16.12 -6.75 1.10
C SER D 158 -14.94 -6.37 1.98
N LYS D 159 -13.84 -7.10 1.86
CA LYS D 159 -12.67 -6.84 2.71
C LYS D 159 -11.98 -5.51 2.41
N GLY D 160 -12.12 -5.02 1.19
CA GLY D 160 -11.54 -3.73 0.88
C GLY D 160 -12.30 -2.69 1.69
N ALA D 161 -13.62 -2.89 1.82
CA ALA D 161 -14.47 -1.96 2.57
C ALA D 161 -14.14 -2.03 4.07
N VAL D 162 -13.86 -3.24 4.57
CA VAL D 162 -13.54 -3.39 5.98
C VAL D 162 -12.27 -2.62 6.31
N LEU D 163 -11.27 -2.70 5.43
CA LEU D 163 -10.02 -2.01 5.70
C LEU D 163 -10.20 -0.48 5.76
N GLN D 164 -10.94 0.08 4.79
CA GLN D 164 -11.17 1.51 4.80
C GLN D 164 -12.08 1.98 5.92
N LEU D 165 -13.06 1.15 6.29
CA LEU D 165 -13.93 1.49 7.40
C LEU D 165 -13.05 1.60 8.63
N THR D 166 -12.13 0.66 8.78
CA THR D 166 -11.18 0.65 9.92
C THR D 166 -10.43 2.00 9.96
N LYS D 167 -9.85 2.40 8.84
CA LYS D 167 -9.12 3.65 8.76
C LYS D 167 -10.02 4.84 9.07
N SER D 168 -11.27 4.79 8.61
CA SER D 168 -12.23 5.89 8.84
C SER D 168 -12.49 6.08 10.35
N VAL D 169 -12.77 4.98 11.05
CA VAL D 169 -13.05 5.06 12.50
C VAL D 169 -11.80 5.58 13.23
N ALA D 170 -10.62 5.07 12.87
CA ALA D 170 -9.41 5.54 13.54
C ALA D 170 -9.18 7.05 13.33
N VAL D 171 -9.38 7.53 12.09
CA VAL D 171 -9.15 8.94 11.85
C VAL D 171 -10.17 9.82 12.58
N ASP D 172 -11.44 9.44 12.57
CA ASP D 172 -12.46 10.26 13.20
C ASP D 172 -12.53 10.16 14.72
N TYR D 173 -12.07 9.05 15.29
CA TYR D 173 -12.16 8.89 16.73
C TYR D 173 -10.88 8.75 17.55
N ALA D 174 -9.71 8.72 16.90
CA ALA D 174 -8.46 8.57 17.68
C ALA D 174 -8.28 9.72 18.69
N GLY D 175 -8.71 10.92 18.34
CA GLY D 175 -8.60 12.05 19.26
C GLY D 175 -9.56 11.97 20.44
N SER D 176 -10.53 11.07 20.35
CA SER D 176 -11.49 10.90 21.42
C SER D 176 -11.20 9.69 22.27
N GLY D 177 -10.02 9.11 22.11
CA GLY D 177 -9.66 7.97 22.94
C GLY D 177 -10.04 6.61 22.38
N ILE D 178 -10.46 6.56 21.13
CA ILE D 178 -10.83 5.29 20.51
C ILE D 178 -9.69 4.81 19.63
N ARG D 179 -9.45 3.50 19.63
CA ARG D 179 -8.44 2.88 18.79
C ARG D 179 -9.19 1.92 17.88
N CYS D 180 -8.85 1.91 16.60
CA CYS D 180 -9.49 0.98 15.68
C CYS D 180 -8.45 0.48 14.69
N ASN D 181 -8.25 -0.83 14.67
CA ASN D 181 -7.26 -1.47 13.80
C ASN D 181 -7.81 -2.73 13.18
N ALA D 182 -7.13 -3.22 12.15
CA ALA D 182 -7.60 -4.43 11.51
C ALA D 182 -6.54 -5.53 11.46
N VAL D 183 -6.96 -6.78 11.67
CA VAL D 183 -6.01 -7.87 11.48
C VAL D 183 -6.32 -8.32 10.05
N CYS D 184 -5.30 -8.63 9.25
CA CYS D 184 -5.54 -9.12 7.87
C CYS D 184 -4.89 -10.51 7.73
N PRO D 185 -5.60 -11.55 8.16
CA PRO D 185 -5.05 -12.92 8.07
C PRO D 185 -4.90 -13.37 6.62
N GLY D 186 -3.93 -14.25 6.37
CA GLY D 186 -3.80 -14.80 5.04
C GLY D 186 -4.67 -16.05 5.02
N MET D 187 -4.10 -17.18 4.64
CA MET D 187 -4.85 -18.45 4.62
C MET D 187 -4.74 -19.09 6.00
N ILE D 188 -5.89 -19.24 6.66
CA ILE D 188 -5.98 -19.80 7.99
C ILE D 188 -6.89 -21.01 7.95
N GLU D 189 -6.62 -21.99 8.80
CA GLU D 189 -7.45 -23.18 8.83
C GLU D 189 -8.66 -22.96 9.73
N THR D 190 -9.83 -22.75 9.13
CA THR D 190 -11.07 -22.56 9.90
C THR D 190 -12.24 -23.18 9.14
N PRO D 191 -13.38 -23.44 9.81
CA PRO D 191 -14.50 -24.04 9.08
C PRO D 191 -14.87 -23.29 7.77
N MET D 192 -14.76 -21.97 7.79
CA MET D 192 -15.06 -21.15 6.62
C MET D 192 -14.20 -21.47 5.39
N THR D 193 -12.94 -21.84 5.64
CA THR D 193 -12.01 -22.15 4.55
C THR D 193 -11.57 -23.61 4.57
N GLN D 194 -11.81 -24.27 5.70
CA GLN D 194 -11.41 -25.66 5.90
C GLN D 194 -12.20 -26.65 5.05
N TRP D 195 -12.08 -26.50 3.73
CA TRP D 195 -12.72 -27.40 2.77
C TRP D 195 -11.98 -27.29 1.45
N ARG D 196 -11.22 -26.22 1.30
CA ARG D 196 -10.41 -26.03 0.11
C ARG D 196 -9.09 -26.68 0.49
N LEU D 197 -8.61 -26.31 1.67
CA LEU D 197 -7.35 -26.82 2.20
C LEU D 197 -7.42 -28.30 2.50
N ASP D 198 -8.63 -28.80 2.73
CA ASP D 198 -8.84 -30.21 3.03
C ASP D 198 -8.37 -31.10 1.90
N GLN D 199 -8.62 -30.67 0.67
CA GLN D 199 -8.23 -31.43 -0.51
C GLN D 199 -6.75 -31.22 -0.82
N PRO D 200 -5.94 -32.29 -0.68
CA PRO D 200 -4.49 -32.27 -0.92
C PRO D 200 -4.00 -31.39 -2.06
N GLU D 201 -4.57 -31.54 -3.24
CA GLU D 201 -4.16 -30.74 -4.39
C GLU D 201 -4.37 -29.23 -4.23
N LEU D 202 -5.46 -28.83 -3.58
CA LEU D 202 -5.74 -27.41 -3.37
C LEU D 202 -4.84 -26.81 -2.29
N ARG D 203 -4.77 -27.47 -1.14
CA ARG D 203 -3.95 -27.01 -0.03
C ARG D 203 -2.52 -26.85 -0.55
N ASP D 204 -2.08 -27.84 -1.33
CA ASP D 204 -0.74 -27.85 -1.90
C ASP D 204 -0.52 -26.67 -2.82
N GLN D 205 -1.57 -26.31 -3.56
CA GLN D 205 -1.53 -25.18 -4.48
C GLN D 205 -1.46 -23.89 -3.67
N VAL D 206 -2.20 -23.87 -2.56
CA VAL D 206 -2.23 -22.71 -1.68
C VAL D 206 -0.86 -22.49 -1.02
N LEU D 207 -0.26 -23.57 -0.54
CA LEU D 207 1.03 -23.53 0.11
C LEU D 207 2.16 -23.01 -0.77
N ALA D 208 2.03 -23.30 -2.07
CA ALA D 208 3.03 -22.85 -3.04
C ALA D 208 3.01 -21.35 -3.11
N ARG D 209 1.92 -20.72 -2.66
CA ARG D 209 1.87 -19.28 -2.73
C ARG D 209 2.20 -18.60 -1.40
N ILE D 210 2.55 -19.41 -0.40
CA ILE D 210 2.90 -18.89 0.93
C ILE D 210 4.37 -19.18 1.17
N PRO D 211 5.23 -18.15 1.18
CA PRO D 211 6.66 -18.39 1.42
C PRO D 211 6.97 -19.17 2.69
N GLN D 212 6.21 -18.93 3.75
CA GLN D 212 6.47 -19.65 5.00
C GLN D 212 6.04 -21.11 4.89
N LYS D 213 5.40 -21.46 3.77
CA LYS D 213 5.00 -22.84 3.56
C LYS D 213 4.16 -23.48 4.66
N GLU D 214 3.23 -22.70 5.20
CA GLU D 214 2.31 -23.24 6.20
C GLU D 214 1.03 -22.41 6.26
N ILE D 215 -0.02 -23.07 6.73
CA ILE D 215 -1.35 -22.49 6.87
C ILE D 215 -1.45 -21.93 8.30
N GLY D 216 -2.04 -20.76 8.45
CA GLY D 216 -2.17 -20.17 9.76
C GLY D 216 -3.31 -20.82 10.55
N THR D 217 -3.38 -20.52 11.85
CA THR D 217 -4.40 -21.05 12.73
C THR D 217 -5.19 -19.94 13.40
N ALA D 218 -6.32 -20.32 14.00
CA ALA D 218 -7.17 -19.37 14.71
C ALA D 218 -6.43 -18.88 15.95
N ALA D 219 -5.56 -19.71 16.52
CA ALA D 219 -4.79 -19.31 17.71
C ALA D 219 -3.90 -18.13 17.36
N GLN D 220 -3.31 -18.16 16.17
CA GLN D 220 -2.46 -17.04 15.75
C GLN D 220 -3.31 -15.81 15.42
N VAL D 221 -4.51 -15.99 14.91
CA VAL D 221 -5.35 -14.82 14.66
C VAL D 221 -5.66 -14.21 16.04
N ALA D 222 -5.96 -15.05 17.03
CA ALA D 222 -6.28 -14.54 18.37
C ALA D 222 -5.11 -13.80 18.98
N ASP D 223 -3.89 -14.29 18.71
CA ASP D 223 -2.67 -13.65 19.22
C ASP D 223 -2.58 -12.22 18.68
N ALA D 224 -2.87 -12.04 17.39
CA ALA D 224 -2.82 -10.70 16.80
C ALA D 224 -3.93 -9.81 17.36
N VAL D 225 -5.11 -10.38 17.56
CA VAL D 225 -6.21 -9.60 18.10
C VAL D 225 -5.89 -9.12 19.51
N MET D 226 -5.29 -9.99 20.31
CA MET D 226 -4.99 -9.61 21.68
C MET D 226 -3.99 -8.47 21.72
N PHE D 227 -2.99 -8.53 20.86
CA PHE D 227 -2.00 -7.49 20.82
C PHE D 227 -2.69 -6.15 20.48
N LEU D 228 -3.51 -6.16 19.44
CA LEU D 228 -4.19 -4.94 18.98
C LEU D 228 -5.25 -4.40 19.94
N ALA D 229 -5.81 -5.27 20.77
CA ALA D 229 -6.84 -4.89 21.72
C ALA D 229 -6.28 -4.38 23.06
N GLY D 230 -5.00 -4.64 23.34
CA GLY D 230 -4.45 -4.25 24.62
C GLY D 230 -3.44 -3.12 24.77
N GLU D 231 -2.85 -3.11 25.96
CA GLU D 231 -1.87 -2.12 26.42
C GLU D 231 -0.58 -2.04 25.65
N ASP D 232 -0.28 -3.04 24.83
CA ASP D 232 0.98 -2.99 24.09
C ASP D 232 0.82 -2.36 22.73
N ALA D 233 -0.38 -1.89 22.41
CA ALA D 233 -0.63 -1.30 21.10
C ALA D 233 -1.34 0.05 21.22
N THR D 234 -1.03 0.79 22.29
CA THR D 234 -1.67 2.08 22.51
C THR D 234 -1.38 3.18 21.46
N TYR D 235 -0.34 3.02 20.66
CA TYR D 235 -0.07 4.03 19.62
C TYR D 235 -0.33 3.42 18.24
N VAL D 236 -0.92 2.24 18.21
CA VAL D 236 -1.28 1.59 16.95
C VAL D 236 -2.75 1.98 16.70
N ASN D 237 -3.00 2.70 15.61
CA ASN D 237 -4.35 3.14 15.29
C ASN D 237 -4.46 3.34 13.78
N GLY D 238 -5.53 2.84 13.18
CA GLY D 238 -5.75 2.96 11.76
C GLY D 238 -4.90 1.98 10.97
N ALA D 239 -4.29 1.02 11.66
CA ALA D 239 -3.39 0.09 10.98
C ALA D 239 -3.94 -1.26 10.57
N ALA D 240 -3.32 -1.85 9.59
CA ALA D 240 -3.71 -3.19 9.17
C ALA D 240 -2.52 -4.07 9.52
N LEU D 241 -2.72 -5.01 10.44
CA LEU D 241 -1.67 -5.92 10.84
C LEU D 241 -1.81 -7.21 10.01
N VAL D 242 -0.92 -7.39 9.04
CA VAL D 242 -0.95 -8.57 8.16
C VAL D 242 -0.31 -9.78 8.82
N MET D 243 -1.02 -10.91 8.82
CA MET D 243 -0.55 -12.15 9.42
C MET D 243 -0.81 -13.20 8.36
N ASP D 244 0.16 -13.41 7.48
CA ASP D 244 -0.02 -14.31 6.35
C ASP D 244 1.16 -15.16 5.91
N GLY D 245 2.18 -15.30 6.75
CA GLY D 245 3.31 -16.13 6.34
C GLY D 245 4.04 -15.60 5.11
N ALA D 246 3.97 -14.27 4.89
CA ALA D 246 4.59 -13.55 3.76
C ALA D 246 3.87 -13.68 2.42
N TYR D 247 2.62 -14.16 2.48
CA TYR D 247 1.80 -14.31 1.28
C TYR D 247 1.75 -13.02 0.44
N THR D 248 1.49 -11.88 1.09
CA THR D 248 1.41 -10.61 0.38
C THR D 248 2.76 -9.91 0.17
N ALA D 249 3.84 -10.49 0.66
CA ALA D 249 5.16 -9.87 0.53
C ALA D 249 5.80 -10.17 -0.83
N ILE D 250 5.18 -11.07 -1.59
CA ILE D 250 5.70 -11.42 -2.93
C ILE D 250 4.55 -11.13 -3.90
PA NAD E . 18.51 -2.80 -20.52
O1A NAD E . 18.96 -3.46 -21.76
O2A NAD E . 18.62 -3.57 -19.25
O5B NAD E . 19.26 -1.40 -20.36
C5B NAD E . 19.61 -0.85 -19.09
C4B NAD E . 20.52 0.36 -19.31
O4B NAD E . 21.06 0.88 -18.09
C3B NAD E . 21.70 -0.10 -20.15
O3B NAD E . 21.83 0.75 -21.28
C2B NAD E . 22.88 0.06 -19.19
O2B NAD E . 24.07 0.38 -19.91
C1B NAD E . 22.39 1.29 -18.41
N9A NAD E . 23.21 1.53 -17.19
C8A NAD E . 23.49 0.64 -16.25
N7A NAD E . 24.23 1.21 -15.30
C5A NAD E . 24.40 2.49 -15.64
C6A NAD E . 25.05 3.57 -15.05
N6A NAD E . 25.67 3.41 -13.89
N1A NAD E . 25.03 4.76 -15.66
C2A NAD E . 24.40 4.92 -16.82
N3A NAD E . 23.77 3.91 -17.40
C4A NAD E . 23.76 2.69 -16.85
O3 NAD E . 16.97 -2.36 -20.70
PN NAD E . 15.99 -2.18 -19.44
O1N NAD E . 14.74 -1.55 -19.89
O2N NAD E . 15.89 -3.48 -18.72
O5D NAD E . 16.78 -1.15 -18.48
C5D NAD E . 16.25 0.13 -18.13
C4D NAD E . 15.40 0.08 -16.86
O4D NAD E . 14.26 -0.78 -16.98
C3D NAD E . 16.16 -0.40 -15.62
O3D NAD E . 16.24 0.64 -14.63
C2D NAD E . 15.28 -1.52 -15.07
O2D NAD E . 15.24 -1.52 -13.63
C1D NAD E . 13.92 -1.09 -15.63
N1N NAD E . 12.88 -2.14 -15.49
C2N NAD E . 12.97 -3.33 -16.24
C3N NAD E . 12.01 -4.33 -16.06
C7N NAD E . 12.15 -5.67 -16.77
O7N NAD E . 11.43 -6.76 -16.39
N7N NAD E . 13.00 -5.71 -17.79
C4N NAD E . 10.97 -4.12 -15.16
C5N NAD E . 10.88 -2.94 -14.42
C6N NAD E . 11.83 -1.95 -14.58
CAK KPC F . 11.17 -7.35 -9.24
CAJ KPC F . 11.12 -7.93 -10.65
OAC KPC F . 10.12 -7.76 -11.36
CAI KPC F . 12.31 -8.74 -11.18
SAH KPC F . 13.82 -7.71 -11.31
CAG KPC F . 15.08 -9.00 -11.61
CAF KPC F . 14.94 -9.64 -12.99
SAE KPC F . 16.17 -10.97 -13.29
OAD KPC F . 15.75 -11.73 -14.51
OAL KPC F . 17.53 -10.37 -13.52
OAB KPC F . 16.20 -11.89 -12.11
PA NAD G . 18.16 7.84 19.29
O1A NAD G . 18.38 8.62 20.53
O2A NAD G . 17.99 8.57 18.02
O5B NAD G . 19.34 6.77 19.16
C5B NAD G . 19.72 6.20 17.90
C4B NAD G . 20.87 5.22 18.14
O4B NAD G . 21.49 4.83 16.89
C3B NAD G . 21.94 5.97 18.93
O3B NAD G . 22.38 5.17 20.04
C2B NAD G . 23.05 6.16 17.91
O2B NAD G . 24.32 6.20 18.57
C1B NAD G . 22.90 4.84 17.16
N9A NAD G . 23.69 4.82 15.90
C8A NAD G . 23.70 5.78 14.97
N7A NAD G . 24.52 5.43 13.98
C5A NAD G . 25.04 4.25 14.29
C6A NAD G . 25.95 3.39 13.68
N6A NAD G . 26.48 3.72 12.51
N1A NAD G . 26.26 2.23 14.28
C2A NAD G . 25.74 1.89 15.44
N3A NAD G . 24.87 2.68 16.06
C4A NAD G . 24.51 3.85 15.52
O3 NAD G . 16.88 6.89 19.54
PN NAD G . 15.86 6.47 18.35
O1N NAD G . 15.03 5.36 18.85
O2N NAD G . 15.19 7.68 17.82
O5D NAD G . 16.83 5.91 17.18
C5D NAD G . 16.92 4.52 16.90
C4D NAD G . 16.08 4.09 15.69
O4D NAD G . 14.69 4.43 15.87
C3D NAD G . 16.54 4.74 14.37
O3D NAD G . 16.76 3.75 13.36
C2D NAD G . 15.33 5.59 13.97
O2D NAD G . 15.20 5.69 12.55
C1D NAD G . 14.22 4.71 14.54
N1N NAD G . 12.89 5.37 14.52
C2N NAD G . 12.62 6.46 15.35
C3N NAD G . 11.39 7.09 15.30
C7N NAD G . 11.11 8.35 16.11
O7N NAD G . 10.07 9.18 15.83
N7N NAD G . 11.93 8.60 17.13
C4N NAD G . 10.42 6.61 14.42
C5N NAD G . 10.67 5.52 13.59
C6N NAD G . 11.91 4.90 13.63
CAK KPC H . 10.58 11.28 12.90
CAJ KPC H . 11.69 10.29 12.54
OAC KPC H . 11.62 9.12 12.94
CAI KPC H . 12.88 10.73 11.69
SAH KPC H . 12.39 11.86 10.33
CAG KPC H . 12.31 13.44 11.23
CAF KPC H . 13.67 13.85 11.80
SAE KPC H . 13.57 15.36 12.85
OAD KPC H . 12.45 15.18 13.82
OAL KPC H . 14.86 15.53 13.58
OAB KPC H . 13.30 16.54 11.98
PA NAD I . -20.92 15.01 -10.27
O1A NAD I . -21.25 16.37 -10.76
O2A NAD I . -20.90 14.77 -8.82
O5B NAD I . -21.91 13.96 -10.98
C5B NAD I . -22.16 12.67 -10.40
C4B NAD I . -23.08 11.86 -11.30
O4B NAD I . -23.44 10.62 -10.67
C3B NAD I . -24.39 12.64 -11.49
O3B NAD I . -24.73 12.65 -12.88
C2B NAD I . -25.39 11.82 -10.69
O2B NAD I . -26.70 11.94 -11.25
C1B NAD I . -24.83 10.42 -10.98
N9A NAD I . -25.45 9.38 -10.14
C8A NAD I . -25.60 9.42 -8.81
N7A NAD I . -26.22 8.32 -8.39
C5A NAD I . -26.47 7.56 -9.46
C6A NAD I . -27.08 6.33 -9.65
N6A NAD I . -27.59 5.67 -8.61
N1A NAD I . -27.16 5.83 -10.89
C2A NAD I . -26.68 6.49 -11.93
N3A NAD I . -26.11 7.68 -11.78
C4A NAD I . -25.98 8.23 -10.57
O3 NAD I . -19.48 14.58 -10.87
PN NAD I . -18.39 13.77 -10.00
O1N NAD I . -17.38 13.23 -10.93
O2N NAD I . -17.92 14.62 -8.88
O5D NAD I . -19.21 12.55 -9.36
C5D NAD I . -19.26 11.27 -10.00
C4D NAD I . -18.20 10.29 -9.48
O4D NAD I . -16.90 10.91 -9.41
C3D NAD I . -18.53 9.75 -8.08
O3D NAD I . -18.42 8.32 -8.06
C2D NAD I . -17.41 10.35 -7.22
O2D NAD I . -17.08 9.48 -6.13
C1D NAD I . -16.28 10.33 -8.26
N1N NAD I . -15.08 11.06 -7.81
C2N NAD I . -15.14 12.45 -7.59
C3N NAD I . -14.02 13.12 -7.13
C7N NAD I . -14.10 14.61 -6.79
O7N NAD I . -13.08 15.25 -6.14
N7N NAD I . -15.21 15.26 -7.15
C4N NAD I . -12.85 12.42 -6.88
C5N NAD I . -12.78 11.04 -7.09
C6N NAD I . -13.89 10.35 -7.55
CAK KPC J . -14.17 15.43 -2.22
CAJ KPC J . -14.20 14.00 -2.75
OAC KPC J . -13.30 13.60 -3.48
CAI KPC J . -15.36 13.08 -2.37
SAH KPC J . -15.48 12.83 -0.57
CAG KPC J . -16.07 14.49 -0.04
CAF KPC J . -17.40 14.87 -0.70
SAE KPC J . -17.95 16.55 -0.26
OAD KPC J . -17.05 17.55 -0.92
OAL KPC J . -19.36 16.76 -0.75
OAB KPC J . -17.90 16.72 1.23
PA NAD K . -15.40 -19.65 10.94
O1A NAD K . -15.21 -21.04 11.41
O2A NAD K . -15.61 -19.43 9.49
O5B NAD K . -16.61 -18.97 11.76
C5B NAD K . -17.30 -17.82 11.25
C4B NAD K . -18.37 -17.37 12.25
O4B NAD K . -19.14 -16.28 11.72
C3B NAD K . -19.34 -18.53 12.51
O3B NAD K . -19.55 -18.66 13.92
C2B NAD K . -20.61 -18.05 11.80
O2B NAD K . -21.76 -18.61 12.44
C1B NAD K . -20.50 -16.55 12.11
N9A NAD K . -21.45 -15.74 11.30
C8A NAD K . -21.59 -15.79 9.98
N7A NAD K . -22.49 -14.90 9.58
C5A NAD K . -22.93 -14.26 10.66
C6A NAD K . -23.84 -13.23 10.88
N6A NAD K . -24.52 -12.71 9.87
N1A NAD K . -24.04 -12.80 12.13
C2A NAD K . -23.39 -13.32 13.16
N3A NAD K . -22.52 -14.30 12.98
C4A NAD K . -22.26 -14.79 11.76
O3 NAD K . -14.13 -18.78 11.38
PN NAD K . -13.51 -17.63 10.44
O1N NAD K . -12.51 -16.86 11.21
O2N NAD K . -13.08 -18.22 9.14
O5D NAD K . -14.78 -16.68 10.13
C5D NAD K . -15.01 -15.49 10.89
C4D NAD K . -14.25 -14.28 10.33
O4D NAD K . -12.86 -14.57 10.16
C3D NAD K . -14.79 -13.82 8.97
O3D NAD K . -15.01 -12.40 8.96
C2D NAD K . -13.64 -14.15 8.03
O2D NAD K . -13.59 -13.26 6.91
C1D NAD K . -12.48 -13.86 8.97
N1N NAD K . -11.16 -14.28 8.43
C2N NAD K . -10.87 -15.64 8.29
C3N NAD K . -9.64 -16.03 7.75
C7N NAD K . -9.33 -17.50 7.50
O7N NAD K . -8.24 -17.88 6.77
N7N NAD K . -10.17 -18.39 8.02
C4N NAD K . -8.73 -15.05 7.37
C5N NAD K . -9.02 -13.70 7.51
C6N NAD K . -10.24 -13.30 8.04
CAK KPC L . -9.24 -18.20 2.62
CAJ KPC L . -9.82 -17.05 3.44
OAC KPC L . -9.13 -16.47 4.27
CAI KPC L . -11.28 -16.63 3.23
SAH KPC L . -11.61 -16.14 1.50
CAG KPC L . -11.54 -17.77 0.66
CAF KPC L . -12.58 -18.75 1.19
SAE KPC L . -12.42 -20.41 0.44
OAD KPC L . -11.07 -20.98 0.79
OAL KPC L . -13.49 -21.31 0.98
OAB KPC L . -12.56 -20.32 -1.05
#